data_4FQ3
#
_entry.id   4FQ3
#
_cell.length_a   128.811
_cell.length_b   158.292
_cell.length_c   68.370
_cell.angle_alpha   90.00
_cell.angle_beta   90.00
_cell.angle_gamma   90.00
#
_symmetry.space_group_name_H-M   'P 21 21 2'
#
loop_
_entity.id
_entity.type
_entity.pdbx_description
1 polymer Transportin-1
2 polymer 'Fusion (Involved in t(12;16) in malignant liposarcoma)'
#
loop_
_entity_poly.entity_id
_entity_poly.type
_entity_poly.pdbx_seq_one_letter_code
_entity_poly.pdbx_strand_id
1 'polypeptide(L)'
;MEYEWKPDEQGLQQILQLLKESQSPDTTIQRTVQQKLEQLNQYPDFNNYLIFVLTKLKSEDEPTRSLSGLILKNNVKAHF
QNFPNGVTDFIKSECLNNIGDSSPLIRATVGILITTIASKGELQNWPDLLPKLCSLLDSEDYNTCEGAFGALQKICEDSA
EILDSDVLDRPLNIMIPKFLQFFKHSSPKIRSHAVACVNQFIISRTQALMLHIDSFIENLFALAGDEEPEVRKNVCRALV
MLLEVRMDRLLPHMHNIVEYMLQRTQDQDENVALEACEFWLTLAEQPICKDVLVRHLPKLIPVLVNGMKYSDIDIILLKG
DVEEDETIPDSEQDIRPRFHRSRTVAQQHDEDGIEEEDDDDDEIDDDDTISDWNLRKCSAAALDVLANVYRDELLPHILP
LLKELLFHHEWVVKESGILVLGAIAEGCMQGMIPYLPELIPHLIQCLSDKKALVRSITCWTLSRYAHWVVSQPPDTYLKP
LMTELLKRILDSNKRVQEAACSAFATLEEEACTELVPYLAYILDTLVFAFSKYQHKNLLILYDAIGTLADSVGHHLNKPE
YIQMLMPPLIQKWNMLKDEDKDLFPLLECLSSVATALQSGFLPYCEPVYQRCVNLVQKTLAQAMLNNAQPDQYEAPDKDF
MIVALDLLSGLAEGLGGNIEQLVARSNILTLMYQCMQDKMPEVRQSSFALLGDLTKACFQHVKPCIADFMPILGTNLNPE
FISVCNNATWAIGEISIQMGIEMQPYIPMVLHQLVEIINRPNTPKTLLENTAITIGRLGYVCPQEVAPMLQQFIRPWCTS
LRNIRDNEEKDSAFRGICTMISVNPSGVIQDFIFFCDAVASWINPKDDLRDMFCKILHGFKNQVGDENWRRFSDQFPLPL
KERLAAFYGV
;
A
2 'polypeptide(L)' GPLGSRGGRGGGDRGGFGPGKMDSRGEHRQDRRERPY B
#
# COMPACT_ATOMS: atom_id res chain seq x y z
N LYS A 6 -19.38 51.41 -7.76
CA LYS A 6 -20.44 50.49 -7.34
C LYS A 6 -21.31 51.08 -6.22
N PRO A 7 -22.54 50.58 -6.05
CA PRO A 7 -23.48 51.17 -5.08
C PRO A 7 -23.05 51.13 -3.61
N ASP A 8 -23.93 51.69 -2.77
CA ASP A 8 -23.67 51.79 -1.34
C ASP A 8 -24.88 52.24 -0.51
N GLU A 9 -24.59 52.52 0.75
CA GLU A 9 -25.20 53.62 1.50
C GLU A 9 -26.53 53.36 2.20
N GLN A 10 -27.19 52.25 1.86
CA GLN A 10 -28.37 51.82 2.60
C GLN A 10 -28.21 50.37 3.00
N GLY A 11 -28.15 49.51 1.99
CA GLY A 11 -27.77 48.13 2.20
C GLY A 11 -26.41 48.05 2.87
N LEU A 12 -25.59 49.09 2.70
CA LEU A 12 -24.29 49.14 3.35
C LEU A 12 -24.44 49.04 4.87
N GLN A 13 -25.32 49.87 5.43
CA GLN A 13 -25.61 49.80 6.85
C GLN A 13 -26.06 48.39 7.22
N GLN A 14 -26.88 47.77 6.36
CA GLN A 14 -27.40 46.43 6.61
C GLN A 14 -26.29 45.38 6.71
N ILE A 15 -25.30 45.51 5.83
CA ILE A 15 -24.16 44.60 5.85
C ILE A 15 -23.36 44.85 7.11
N LEU A 16 -23.15 46.13 7.43
CA LEU A 16 -22.38 46.49 8.62
C LEU A 16 -23.00 45.91 9.90
N GLN A 17 -24.32 46.02 10.01
CA GLN A 17 -25.07 45.53 11.15
C GLN A 17 -25.01 44.02 11.19
N LEU A 18 -25.21 43.40 10.03
CA LEU A 18 -25.17 41.96 9.93
C LEU A 18 -23.81 41.40 10.36
N LEU A 19 -22.74 42.06 9.95
CA LEU A 19 -21.39 41.67 10.31
C LEU A 19 -21.14 41.91 11.78
N LYS A 20 -21.70 43.00 12.30
CA LYS A 20 -21.63 43.32 13.72
C LYS A 20 -22.21 42.15 14.54
N GLU A 21 -23.43 41.75 14.20
CA GLU A 21 -24.07 40.63 14.89
C GLU A 21 -23.30 39.33 14.65
N SER A 22 -22.64 39.23 13.49
CA SER A 22 -21.85 38.06 13.14
C SER A 22 -20.88 37.68 14.23
N GLN A 23 -20.18 38.69 14.76
CA GLN A 23 -19.35 38.48 15.92
C GLN A 23 -20.17 39.00 17.08
N SER A 24 -20.69 38.07 17.86
CA SER A 24 -21.45 38.38 19.06
C SER A 24 -21.21 37.25 20.05
N PRO A 25 -21.19 37.59 21.35
CA PRO A 25 -20.92 36.57 22.36
C PRO A 25 -21.89 35.39 22.35
N ASP A 26 -23.20 35.63 22.24
CA ASP A 26 -24.15 34.53 22.43
C ASP A 26 -24.67 33.82 21.19
N THR A 27 -24.78 32.50 21.32
CA THR A 27 -25.09 31.59 20.22
C THR A 27 -26.35 31.95 19.46
N THR A 28 -27.37 32.44 20.16
CA THR A 28 -28.63 32.76 19.52
C THR A 28 -28.45 33.76 18.37
N ILE A 29 -27.87 34.92 18.68
CA ILE A 29 -27.69 35.98 17.71
C ILE A 29 -26.88 35.52 16.50
N GLN A 30 -25.82 34.76 16.76
CA GLN A 30 -24.94 34.31 15.70
C GLN A 30 -25.54 33.18 14.87
N ARG A 31 -26.52 32.47 15.43
CA ARG A 31 -27.23 31.47 14.64
C ARG A 31 -28.28 32.15 13.75
N THR A 32 -28.95 33.16 14.30
CA THR A 32 -29.87 33.97 13.51
C THR A 32 -29.14 34.60 12.31
N VAL A 33 -27.99 35.22 12.58
CA VAL A 33 -27.22 35.81 11.49
C VAL A 33 -26.53 34.74 10.64
N GLN A 34 -26.42 33.53 11.18
CA GLN A 34 -25.96 32.41 10.37
C GLN A 34 -27.00 32.15 9.29
N GLN A 35 -28.27 32.13 9.68
CA GLN A 35 -29.36 31.96 8.72
C GLN A 35 -29.43 33.11 7.72
N LYS A 36 -29.43 34.34 8.23
CA LYS A 36 -29.46 35.51 7.36
C LYS A 36 -28.32 35.43 6.33
N LEU A 37 -27.12 35.11 6.82
CA LEU A 37 -25.96 34.92 5.94
C LEU A 37 -26.22 33.86 4.88
N GLU A 38 -26.65 32.67 5.30
CA GLU A 38 -26.96 31.57 4.37
C GLU A 38 -27.91 32.01 3.25
N GLN A 39 -29.00 32.68 3.62
CA GLN A 39 -29.97 33.12 2.63
C GLN A 39 -29.37 34.16 1.67
N LEU A 40 -28.73 35.17 2.24
CA LEU A 40 -28.11 36.23 1.43
C LEU A 40 -26.95 35.77 0.54
N ASN A 41 -26.35 34.62 0.88
CA ASN A 41 -25.10 34.17 0.26
C ASN A 41 -25.17 33.87 -1.24
N GLN A 42 -26.37 33.71 -1.77
CA GLN A 42 -26.54 33.38 -3.18
C GLN A 42 -26.67 34.60 -4.10
N TYR A 43 -26.76 35.79 -3.51
CA TYR A 43 -26.89 37.02 -4.28
C TYR A 43 -25.54 37.69 -4.51
N PRO A 44 -25.20 37.99 -5.78
CA PRO A 44 -23.94 38.62 -6.19
C PRO A 44 -23.71 40.00 -5.57
N ASP A 45 -24.74 40.83 -5.58
CA ASP A 45 -24.64 42.18 -5.04
C ASP A 45 -24.07 42.11 -3.62
N PHE A 46 -24.55 41.15 -2.85
CA PHE A 46 -24.07 40.90 -1.50
C PHE A 46 -22.55 40.76 -1.51
N ASN A 47 -22.03 39.87 -2.35
CA ASN A 47 -20.59 39.67 -2.49
C ASN A 47 -19.84 40.96 -2.85
N ASN A 48 -20.37 41.71 -3.81
CA ASN A 48 -19.83 43.03 -4.10
C ASN A 48 -19.68 43.84 -2.81
N TYR A 49 -20.71 43.78 -1.96
CA TYR A 49 -20.65 44.44 -0.66
C TYR A 49 -19.55 43.87 0.26
N LEU A 50 -19.34 42.55 0.20
CA LEU A 50 -18.31 41.91 1.00
C LEU A 50 -16.90 42.39 0.64
N ILE A 51 -16.56 42.30 -0.65
CA ILE A 51 -15.25 42.75 -1.10
C ILE A 51 -15.12 44.26 -0.85
N PHE A 52 -16.22 44.98 -1.03
CA PHE A 52 -16.19 46.42 -0.80
C PHE A 52 -15.82 46.74 0.65
N VAL A 53 -16.47 46.06 1.58
CA VAL A 53 -16.19 46.24 3.00
C VAL A 53 -14.75 45.89 3.30
N LEU A 54 -14.32 44.73 2.81
CA LEU A 54 -12.99 44.25 3.13
C LEU A 54 -11.90 45.19 2.62
N THR A 55 -11.86 45.44 1.31
CA THR A 55 -10.82 46.29 0.73
C THR A 55 -11.02 47.81 0.84
N LYS A 56 -12.21 48.28 0.51
CA LYS A 56 -12.44 49.71 0.33
C LYS A 56 -12.88 50.49 1.56
N LEU A 57 -13.27 49.82 2.63
CA LEU A 57 -13.82 50.56 3.77
C LEU A 57 -12.84 50.57 4.93
N LYS A 58 -12.20 51.71 5.13
CA LYS A 58 -11.13 51.81 6.11
C LYS A 58 -11.72 52.23 7.46
N SER A 59 -12.99 52.63 7.42
CA SER A 59 -13.68 53.09 8.62
C SER A 59 -13.78 51.94 9.60
N GLU A 60 -14.08 50.76 9.09
CA GLU A 60 -14.30 49.59 9.94
C GLU A 60 -13.00 49.00 10.48
N ASP A 61 -13.11 48.28 11.58
CA ASP A 61 -11.97 47.61 12.20
C ASP A 61 -11.47 46.43 11.38
N GLU A 62 -10.21 46.06 11.62
CA GLU A 62 -9.59 44.93 10.93
C GLU A 62 -10.40 43.64 11.00
N PRO A 63 -10.89 43.28 12.21
CA PRO A 63 -11.60 42.02 12.36
C PRO A 63 -12.84 41.94 11.47
N THR A 64 -13.60 43.03 11.46
CA THR A 64 -14.82 43.09 10.66
C THR A 64 -14.54 42.96 9.16
N ARG A 65 -13.66 43.79 8.64
CA ARG A 65 -13.25 43.70 7.23
C ARG A 65 -12.80 42.29 6.88
N SER A 66 -11.91 41.75 7.69
CA SER A 66 -11.36 40.41 7.49
C SER A 66 -12.46 39.37 7.45
N LEU A 67 -13.48 39.55 8.30
CA LEU A 67 -14.60 38.62 8.35
C LEU A 67 -15.43 38.71 7.09
N SER A 68 -15.66 39.93 6.61
CA SER A 68 -16.29 40.15 5.33
C SER A 68 -15.57 39.34 4.26
N GLY A 69 -14.26 39.51 4.23
CA GLY A 69 -13.41 38.79 3.29
C GLY A 69 -13.49 37.27 3.39
N LEU A 70 -13.56 36.73 4.62
CA LEU A 70 -13.59 35.28 4.80
C LEU A 70 -14.94 34.68 4.45
N ILE A 71 -16.01 35.42 4.75
CA ILE A 71 -17.34 35.00 4.35
C ILE A 71 -17.46 34.99 2.83
N LEU A 72 -16.98 36.07 2.21
CA LEU A 72 -16.86 36.12 0.75
C LEU A 72 -16.08 34.92 0.23
N LYS A 73 -14.99 34.60 0.92
CA LYS A 73 -14.15 33.46 0.55
C LYS A 73 -14.93 32.15 0.58
N ASN A 74 -15.73 31.94 1.62
CA ASN A 74 -16.58 30.75 1.64
C ASN A 74 -17.59 30.77 0.50
N ASN A 75 -18.08 31.97 0.18
CA ASN A 75 -19.04 32.13 -0.90
C ASN A 75 -18.43 31.75 -2.24
N VAL A 76 -17.14 31.98 -2.40
CA VAL A 76 -16.45 31.44 -3.55
C VAL A 76 -16.38 29.92 -3.41
N LYS A 77 -15.93 29.47 -2.24
CA LYS A 77 -15.72 28.04 -1.99
C LYS A 77 -16.91 27.21 -2.42
N ALA A 78 -18.11 27.68 -2.07
CA ALA A 78 -19.35 27.03 -2.49
C ALA A 78 -20.07 27.92 -3.50
N HIS A 79 -20.42 27.35 -4.65
CA HIS A 79 -21.11 28.10 -5.70
C HIS A 79 -20.42 29.41 -6.15
N PHE A 80 -19.14 29.33 -6.48
CA PHE A 80 -18.44 30.44 -7.13
C PHE A 80 -18.82 30.46 -8.61
N GLN A 81 -18.98 29.25 -9.15
CA GLN A 81 -19.27 29.06 -10.57
C GLN A 81 -20.49 29.87 -10.97
N ASN A 82 -21.46 29.94 -10.07
CA ASN A 82 -22.69 30.67 -10.32
C ASN A 82 -22.50 32.15 -10.62
N PHE A 83 -21.87 32.89 -9.69
CA PHE A 83 -21.97 34.34 -9.76
C PHE A 83 -21.22 35.00 -10.92
N PRO A 84 -21.87 36.00 -11.53
CA PRO A 84 -21.70 36.55 -12.88
C PRO A 84 -20.51 37.46 -13.12
N ASN A 85 -19.34 36.91 -13.43
CA ASN A 85 -18.35 37.70 -14.15
C ASN A 85 -18.05 39.03 -13.46
N GLY A 86 -18.41 40.13 -14.11
CA GLY A 86 -17.92 41.45 -13.75
C GLY A 86 -17.94 41.74 -12.26
N VAL A 87 -18.87 41.14 -11.52
CA VAL A 87 -18.76 41.01 -10.08
C VAL A 87 -17.43 40.31 -9.70
N THR A 88 -17.31 39.06 -10.12
CA THR A 88 -16.10 38.27 -9.94
C THR A 88 -14.86 39.07 -10.37
N ASP A 89 -14.97 39.84 -11.45
CA ASP A 89 -13.86 40.65 -11.92
C ASP A 89 -13.55 41.81 -10.98
N PHE A 90 -14.61 42.39 -10.40
CA PHE A 90 -14.47 43.45 -9.40
C PHE A 90 -13.72 42.93 -8.19
N ILE A 91 -14.16 41.77 -7.70
CA ILE A 91 -13.48 41.10 -6.59
C ILE A 91 -12.00 40.89 -6.93
N LYS A 92 -11.74 40.31 -8.10
CA LYS A 92 -10.37 40.05 -8.53
C LYS A 92 -9.53 41.33 -8.45
N SER A 93 -9.99 42.38 -9.13
CA SER A 93 -9.26 43.64 -9.18
C SER A 93 -8.99 44.18 -7.79
N GLU A 94 -10.03 44.23 -6.96
CA GLU A 94 -9.90 44.74 -5.59
C GLU A 94 -8.85 43.94 -4.82
N CYS A 95 -8.85 42.62 -5.03
CA CYS A 95 -7.88 41.74 -4.39
C CYS A 95 -6.44 42.07 -4.81
N LEU A 96 -6.22 42.16 -6.11
CA LEU A 96 -4.88 42.41 -6.65
C LEU A 96 -4.34 43.81 -6.38
N ASN A 97 -5.23 44.78 -6.20
CA ASN A 97 -4.76 46.13 -5.89
C ASN A 97 -4.41 46.30 -4.42
N ASN A 98 -5.09 45.51 -3.58
CA ASN A 98 -4.84 45.50 -2.14
C ASN A 98 -3.92 44.40 -1.61
N ILE A 99 -3.30 43.62 -2.50
CA ILE A 99 -2.49 42.48 -2.08
C ILE A 99 -1.43 42.84 -1.02
N GLY A 100 -0.58 43.82 -1.30
CA GLY A 100 0.17 44.48 -0.25
C GLY A 100 -0.76 45.37 0.58
N ASP A 101 -0.77 45.17 1.89
CA ASP A 101 -1.60 45.98 2.77
C ASP A 101 -0.92 46.14 4.11
N SER A 102 -1.09 47.30 4.72
CA SER A 102 -0.49 47.57 6.03
C SER A 102 -0.86 46.46 7.03
N SER A 103 -2.16 46.20 7.17
CA SER A 103 -2.63 45.21 8.15
C SER A 103 -2.26 43.79 7.76
N PRO A 104 -1.54 43.09 8.64
CA PRO A 104 -1.19 41.69 8.40
C PRO A 104 -2.45 40.85 8.21
N LEU A 105 -3.50 41.18 8.96
CA LEU A 105 -4.74 40.43 8.89
C LEU A 105 -5.47 40.64 7.56
N ILE A 106 -5.62 41.91 7.18
CA ILE A 106 -6.15 42.23 5.87
C ILE A 106 -5.37 41.51 4.77
N ARG A 107 -4.04 41.60 4.84
CA ARG A 107 -3.15 40.95 3.86
C ARG A 107 -3.40 39.44 3.76
N ALA A 108 -3.55 38.79 4.92
CA ALA A 108 -3.83 37.34 4.95
C ALA A 108 -5.18 37.01 4.32
N THR A 109 -6.21 37.76 4.70
CA THR A 109 -7.53 37.57 4.13
C THR A 109 -7.47 37.68 2.60
N VAL A 110 -6.95 38.82 2.12
CA VAL A 110 -6.79 39.03 0.68
C VAL A 110 -6.09 37.84 0.04
N GLY A 111 -5.01 37.38 0.68
CA GLY A 111 -4.32 36.21 0.21
C GLY A 111 -5.23 35.01 0.02
N ILE A 112 -5.99 34.66 1.05
CA ILE A 112 -6.83 33.47 0.99
C ILE A 112 -7.91 33.63 -0.08
N LEU A 113 -8.33 34.87 -0.30
CA LEU A 113 -9.29 35.17 -1.33
C LEU A 113 -8.71 34.90 -2.72
N ILE A 114 -7.58 35.53 -3.02
CA ILE A 114 -6.90 35.32 -4.28
C ILE A 114 -6.67 33.83 -4.53
N THR A 115 -6.03 33.21 -3.55
CA THR A 115 -5.73 31.79 -3.53
C THR A 115 -6.94 30.93 -3.87
N THR A 116 -8.06 31.21 -3.18
CA THR A 116 -9.26 30.40 -3.34
C THR A 116 -9.92 30.64 -4.71
N ILE A 117 -9.82 31.86 -5.24
CA ILE A 117 -10.32 32.17 -6.57
C ILE A 117 -9.50 31.48 -7.68
N ALA A 118 -8.19 31.45 -7.50
CA ALA A 118 -7.33 30.81 -8.48
C ALA A 118 -7.49 29.29 -8.45
N SER A 119 -7.62 28.73 -7.25
CA SER A 119 -7.86 27.29 -7.14
C SER A 119 -9.23 26.90 -7.70
N LYS A 120 -10.25 27.65 -7.30
CA LYS A 120 -11.64 27.28 -7.59
C LYS A 120 -12.04 27.68 -9.00
N GLY A 121 -12.19 28.98 -9.26
CA GLY A 121 -12.83 29.39 -10.50
C GLY A 121 -12.10 28.81 -11.69
N GLU A 122 -10.83 29.16 -11.84
CA GLU A 122 -9.77 28.25 -12.26
C GLU A 122 -8.50 29.02 -12.58
N LEU A 123 -7.42 28.31 -12.86
CA LEU A 123 -6.20 28.99 -13.25
C LEU A 123 -6.32 29.62 -14.64
N GLN A 124 -6.98 28.93 -15.58
CA GLN A 124 -7.12 29.48 -16.93
C GLN A 124 -8.09 30.64 -16.90
N ASN A 125 -9.06 30.55 -15.99
CA ASN A 125 -10.13 31.54 -15.93
C ASN A 125 -9.71 32.86 -15.28
N TRP A 126 -8.54 32.86 -14.64
CA TRP A 126 -7.86 34.14 -14.44
C TRP A 126 -6.61 34.05 -15.31
N PRO A 127 -6.66 34.69 -16.49
CA PRO A 127 -5.56 34.64 -17.44
C PRO A 127 -4.34 35.46 -17.03
N ASP A 128 -4.59 36.63 -16.46
CA ASP A 128 -3.54 37.62 -16.29
C ASP A 128 -2.92 37.55 -14.89
N LEU A 129 -3.43 36.65 -14.07
CA LEU A 129 -3.03 36.54 -12.68
C LEU A 129 -1.52 36.43 -12.52
N LEU A 130 -0.95 35.35 -13.03
CA LEU A 130 0.49 35.07 -12.86
C LEU A 130 1.39 36.23 -13.28
N PRO A 131 1.27 36.72 -14.52
CA PRO A 131 2.07 37.86 -14.95
C PRO A 131 1.95 39.05 -14.00
N LYS A 132 0.76 39.23 -13.45
CA LYS A 132 0.51 40.33 -12.54
C LYS A 132 1.27 40.13 -11.24
N LEU A 133 1.16 38.94 -10.65
CA LEU A 133 1.88 38.62 -9.43
C LEU A 133 3.40 38.76 -9.60
N CYS A 134 3.90 38.28 -10.73
CA CYS A 134 5.32 38.40 -11.05
C CYS A 134 5.74 39.85 -11.20
N SER A 135 4.88 40.67 -11.80
CA SER A 135 5.15 42.10 -11.90
C SER A 135 5.17 42.72 -10.50
N LEU A 136 4.36 42.17 -9.61
CA LEU A 136 4.25 42.63 -8.23
C LEU A 136 5.49 42.31 -7.41
N LEU A 137 6.11 41.18 -7.72
CA LEU A 137 7.35 40.79 -7.07
C LEU A 137 8.38 41.92 -7.11
N ASP A 138 8.45 42.62 -8.25
CA ASP A 138 9.43 43.70 -8.46
C ASP A 138 9.15 44.96 -7.64
N SER A 139 7.98 45.01 -7.01
CA SER A 139 7.52 46.23 -6.35
C SER A 139 8.50 46.77 -5.30
N GLU A 140 8.54 48.09 -5.16
CA GLU A 140 9.37 48.76 -4.15
C GLU A 140 8.77 48.62 -2.74
N ASP A 141 7.46 48.44 -2.67
CA ASP A 141 6.78 48.19 -1.40
C ASP A 141 7.04 46.76 -0.97
N TYR A 142 7.59 46.58 0.23
CA TYR A 142 7.92 45.23 0.68
C TYR A 142 6.66 44.37 0.81
N ASN A 143 5.63 44.91 1.46
CA ASN A 143 4.41 44.14 1.73
C ASN A 143 3.74 43.57 0.48
N THR A 144 3.74 44.34 -0.61
CA THR A 144 3.19 43.83 -1.86
C THR A 144 4.03 42.66 -2.37
N CYS A 145 5.35 42.83 -2.31
CA CYS A 145 6.28 41.76 -2.67
C CYS A 145 5.97 40.48 -1.91
N GLU A 146 5.85 40.60 -0.58
CA GLU A 146 5.57 39.47 0.31
C GLU A 146 4.19 38.82 0.06
N GLY A 147 3.17 39.63 -0.21
CA GLY A 147 1.83 39.10 -0.43
C GLY A 147 1.70 38.37 -1.77
N ALA A 148 2.35 38.95 -2.77
CA ALA A 148 2.42 38.34 -4.09
C ALA A 148 3.19 37.02 -4.00
N PHE A 149 4.29 37.03 -3.25
CA PHE A 149 5.08 35.81 -3.11
C PHE A 149 4.33 34.73 -2.33
N GLY A 150 3.60 35.12 -1.29
CA GLY A 150 2.78 34.19 -0.54
C GLY A 150 1.74 33.55 -1.44
N ALA A 151 1.05 34.40 -2.21
CA ALA A 151 0.09 33.90 -3.19
C ALA A 151 0.73 32.90 -4.17
N LEU A 152 1.84 33.31 -4.79
CA LEU A 152 2.52 32.44 -5.74
C LEU A 152 2.93 31.10 -5.13
N GLN A 153 3.37 31.12 -3.88
CA GLN A 153 3.77 29.89 -3.22
C GLN A 153 2.58 28.98 -3.03
N LYS A 154 1.49 29.55 -2.52
CA LYS A 154 0.27 28.76 -2.32
C LYS A 154 -0.21 28.17 -3.64
N ILE A 155 -0.10 28.94 -4.71
CA ILE A 155 -0.54 28.53 -6.04
C ILE A 155 0.31 27.38 -6.59
N CYS A 156 1.62 27.50 -6.41
CA CYS A 156 2.55 26.46 -6.79
C CYS A 156 2.27 25.17 -6.03
N GLU A 157 2.16 25.26 -4.71
CA GLU A 157 1.78 24.10 -3.91
C GLU A 157 0.48 23.45 -4.41
N ASP A 158 -0.57 24.25 -4.57
CA ASP A 158 -1.87 23.72 -4.97
C ASP A 158 -1.82 23.06 -6.34
N SER A 159 -1.49 23.83 -7.37
CA SER A 159 -1.29 23.22 -8.67
C SER A 159 0.13 23.34 -9.22
N ALA A 160 0.91 22.27 -9.13
CA ALA A 160 2.17 22.21 -9.86
C ALA A 160 1.90 21.73 -11.28
N GLU A 161 1.06 20.71 -11.35
CA GLU A 161 0.81 19.96 -12.57
C GLU A 161 0.11 20.81 -13.62
N ILE A 162 -0.77 21.70 -13.17
CA ILE A 162 -1.44 22.62 -14.09
C ILE A 162 -0.41 23.61 -14.64
N LEU A 163 0.56 23.97 -13.81
CA LEU A 163 1.56 24.96 -14.17
C LEU A 163 2.61 24.41 -15.15
N ASP A 164 2.93 23.13 -15.02
CA ASP A 164 3.94 22.51 -15.88
C ASP A 164 3.32 22.12 -17.23
N SER A 165 2.00 22.06 -17.27
CA SER A 165 1.24 21.84 -18.50
C SER A 165 1.26 23.09 -19.38
N ASP A 166 0.92 22.90 -20.65
CA ASP A 166 0.82 24.01 -21.61
C ASP A 166 -0.58 24.65 -21.69
N VAL A 167 -1.49 24.20 -20.82
CA VAL A 167 -2.84 24.78 -20.77
C VAL A 167 -2.83 26.23 -20.30
N LEU A 168 -1.77 26.59 -19.59
CA LEU A 168 -1.57 27.94 -19.06
C LEU A 168 -0.73 28.78 -20.02
N ASP A 169 -0.45 28.23 -21.20
CA ASP A 169 0.78 28.51 -21.95
C ASP A 169 1.96 27.94 -21.14
N ARG A 170 3.02 28.71 -20.96
CA ARG A 170 4.15 28.19 -20.17
C ARG A 170 4.65 29.21 -19.16
N PRO A 171 3.94 29.30 -18.03
CA PRO A 171 4.20 30.26 -16.94
C PRO A 171 5.53 30.01 -16.24
N LEU A 172 5.85 28.74 -15.99
CA LEU A 172 7.04 28.39 -15.23
C LEU A 172 8.31 28.90 -15.91
N ASN A 173 8.27 28.93 -17.24
CA ASN A 173 9.39 29.44 -18.03
C ASN A 173 9.75 30.87 -17.63
N ILE A 174 8.75 31.69 -17.32
CA ILE A 174 8.99 33.01 -16.76
C ILE A 174 9.24 33.01 -15.24
N MET A 175 8.46 32.21 -14.52
CA MET A 175 8.43 32.27 -13.06
C MET A 175 9.69 31.72 -12.37
N ILE A 176 10.14 30.55 -12.78
CA ILE A 176 11.27 29.89 -12.11
C ILE A 176 12.53 30.76 -12.10
N PRO A 177 12.94 31.28 -13.27
CA PRO A 177 14.10 32.18 -13.29
C PRO A 177 13.84 33.44 -12.47
N LYS A 178 12.60 33.90 -12.48
CA LYS A 178 12.20 35.01 -11.63
C LYS A 178 12.42 34.66 -10.16
N PHE A 179 11.93 33.49 -9.75
CA PHE A 179 12.10 33.05 -8.37
C PHE A 179 13.57 32.98 -7.94
N LEU A 180 14.44 32.54 -8.84
CA LEU A 180 15.85 32.35 -8.51
C LEU A 180 16.54 33.66 -8.17
N GLN A 181 16.04 34.75 -8.75
CA GLN A 181 16.64 36.06 -8.49
C GLN A 181 16.33 36.55 -7.07
N PHE A 182 15.32 35.95 -6.44
CA PHE A 182 14.92 36.34 -5.10
C PHE A 182 15.54 35.51 -3.97
N PHE A 183 16.34 34.52 -4.33
CA PHE A 183 17.14 33.81 -3.33
C PHE A 183 18.07 34.79 -2.65
N LYS A 184 18.42 35.85 -3.36
CA LYS A 184 19.41 36.80 -2.90
C LYS A 184 18.77 37.93 -2.11
N HIS A 185 17.46 37.85 -1.89
CA HIS A 185 16.71 38.94 -1.27
C HIS A 185 17.16 39.18 0.17
N SER A 186 16.91 40.40 0.67
CA SER A 186 17.28 40.78 2.04
C SER A 186 16.39 40.10 3.08
N SER A 187 15.09 40.06 2.80
CA SER A 187 14.12 39.47 3.73
C SER A 187 14.12 37.94 3.71
N PRO A 188 14.30 37.34 4.89
CA PRO A 188 14.24 35.88 5.02
C PRO A 188 12.89 35.30 4.59
N LYS A 189 11.78 35.97 4.91
CA LYS A 189 10.48 35.51 4.45
C LYS A 189 10.48 35.36 2.93
N ILE A 190 11.09 36.33 2.25
CA ILE A 190 11.11 36.35 0.79
C ILE A 190 11.96 35.24 0.19
N ARG A 191 13.15 35.04 0.74
CA ARG A 191 14.02 33.97 0.29
C ARG A 191 13.29 32.64 0.49
N SER A 192 12.75 32.47 1.69
CA SER A 192 11.96 31.31 2.06
C SER A 192 10.90 31.05 0.99
N HIS A 193 10.14 32.08 0.64
CA HIS A 193 9.11 31.96 -0.38
C HIS A 193 9.72 31.50 -1.70
N ALA A 194 10.85 32.10 -2.07
CA ALA A 194 11.47 31.80 -3.37
C ALA A 194 11.88 30.33 -3.50
N VAL A 195 12.68 29.86 -2.55
CA VAL A 195 13.11 28.47 -2.60
C VAL A 195 11.94 27.50 -2.39
N ALA A 196 10.96 27.90 -1.59
CA ALA A 196 9.75 27.11 -1.43
C ALA A 196 9.01 26.90 -2.77
N CYS A 197 8.83 27.99 -3.51
CA CYS A 197 8.20 27.94 -4.82
C CYS A 197 8.99 27.04 -5.76
N VAL A 198 10.30 27.28 -5.84
CA VAL A 198 11.11 26.49 -6.74
C VAL A 198 11.05 24.99 -6.40
N ASN A 199 10.99 24.67 -5.12
CA ASN A 199 10.95 23.28 -4.67
C ASN A 199 9.84 22.40 -5.27
N GLN A 200 8.68 22.99 -5.57
CA GLN A 200 7.55 22.22 -6.11
C GLN A 200 7.87 21.54 -7.45
N PHE A 201 8.81 22.14 -8.17
CA PHE A 201 9.16 21.75 -9.53
C PHE A 201 10.38 20.86 -9.75
N ILE A 202 11.01 20.42 -8.66
CA ILE A 202 12.20 19.58 -8.77
C ILE A 202 11.90 18.16 -9.27
N ILE A 203 11.01 17.45 -8.57
CA ILE A 203 10.73 16.05 -8.86
C ILE A 203 10.15 15.92 -10.26
N SER A 204 9.37 16.93 -10.65
CA SER A 204 8.81 17.03 -11.99
C SER A 204 9.90 17.06 -13.05
N ARG A 205 11.06 17.58 -12.67
CA ARG A 205 12.13 17.85 -13.62
C ARG A 205 11.62 18.84 -14.67
N THR A 206 10.80 19.80 -14.25
CA THR A 206 10.22 20.75 -15.19
C THR A 206 11.31 21.50 -15.93
N GLN A 207 11.13 21.67 -17.24
CA GLN A 207 12.18 22.16 -18.12
C GLN A 207 12.86 23.40 -17.52
N ALA A 208 12.04 24.38 -17.12
CA ALA A 208 12.54 25.67 -16.65
C ALA A 208 13.62 25.51 -15.59
N LEU A 209 13.30 24.74 -14.56
CA LEU A 209 14.26 24.48 -13.48
C LEU A 209 15.50 23.78 -14.00
N MET A 210 15.31 22.65 -14.68
CA MET A 210 16.43 21.86 -15.21
C MET A 210 17.43 22.69 -16.01
N LEU A 211 16.95 23.52 -16.93
CA LEU A 211 17.86 24.35 -17.73
C LEU A 211 18.58 25.40 -16.87
N HIS A 212 17.95 25.78 -15.78
CA HIS A 212 18.55 26.71 -14.81
C HIS A 212 19.22 26.03 -13.61
N ILE A 213 19.30 24.70 -13.64
CA ILE A 213 19.75 23.91 -12.50
C ILE A 213 21.04 24.43 -11.86
N ASP A 214 21.99 24.86 -12.68
CA ASP A 214 23.26 25.35 -12.16
C ASP A 214 23.03 26.59 -11.31
N SER A 215 22.33 27.57 -11.87
CA SER A 215 21.94 28.77 -11.12
C SER A 215 21.31 28.37 -9.79
N PHE A 216 20.40 27.41 -9.85
CA PHE A 216 19.68 26.92 -8.67
C PHE A 216 20.67 26.45 -7.60
N ILE A 217 21.51 25.49 -7.96
CA ILE A 217 22.42 24.87 -7.01
C ILE A 217 23.40 25.88 -6.42
N GLU A 218 23.88 26.79 -7.26
CA GLU A 218 24.76 27.84 -6.79
C GLU A 218 24.07 28.68 -5.72
N ASN A 219 22.89 29.20 -6.06
CA ASN A 219 22.13 30.00 -5.09
C ASN A 219 21.75 29.21 -3.83
N LEU A 220 21.68 27.90 -3.98
CA LEU A 220 21.31 27.03 -2.90
C LEU A 220 22.46 26.97 -1.93
N PHE A 221 23.65 26.74 -2.48
CA PHE A 221 24.88 26.75 -1.70
C PHE A 221 25.05 28.10 -0.99
N ALA A 222 24.82 29.19 -1.71
CA ALA A 222 25.01 30.52 -1.12
C ALA A 222 24.11 30.74 0.10
N LEU A 223 23.00 30.00 0.14
CA LEU A 223 22.04 30.12 1.24
C LEU A 223 22.31 29.14 2.39
N ALA A 224 23.24 28.23 2.19
CA ALA A 224 23.42 27.11 3.12
C ALA A 224 23.46 27.56 4.58
N GLY A 225 24.26 28.60 4.85
CA GLY A 225 24.52 29.03 6.21
C GLY A 225 23.54 30.07 6.76
N ASP A 226 22.35 30.14 6.18
CA ASP A 226 21.38 31.12 6.63
C ASP A 226 20.89 30.78 8.04
N GLU A 227 20.94 31.78 8.92
CA GLU A 227 20.48 31.60 10.28
C GLU A 227 19.03 31.13 10.34
N GLU A 228 18.19 31.76 9.52
CA GLU A 228 16.74 31.56 9.58
C GLU A 228 16.34 30.12 9.24
N PRO A 229 15.73 29.43 10.21
CA PRO A 229 15.35 28.01 10.13
C PRO A 229 14.40 27.68 8.95
N GLU A 230 13.55 28.61 8.55
CA GLU A 230 12.71 28.36 7.40
C GLU A 230 13.56 28.20 6.14
N VAL A 231 14.54 29.09 5.99
CA VAL A 231 15.47 29.01 4.86
C VAL A 231 16.31 27.74 4.88
N ARG A 232 16.93 27.43 6.02
CA ARG A 232 17.69 26.19 6.14
C ARG A 232 16.83 24.99 5.77
N LYS A 233 15.65 24.91 6.36
CA LYS A 233 14.71 23.82 6.11
C LYS A 233 14.37 23.68 4.62
N ASN A 234 14.10 24.81 3.97
CA ASN A 234 13.78 24.78 2.55
C ASN A 234 14.97 24.35 1.68
N VAL A 235 16.16 24.80 2.04
CA VAL A 235 17.40 24.36 1.41
C VAL A 235 17.58 22.85 1.54
N CYS A 236 17.29 22.33 2.73
CA CYS A 236 17.40 20.90 2.98
C CYS A 236 16.44 20.10 2.11
N ARG A 237 15.17 20.52 2.11
CA ARG A 237 14.20 19.89 1.20
C ARG A 237 14.76 19.88 -0.23
N ALA A 238 15.21 21.06 -0.66
CA ALA A 238 15.76 21.24 -2.01
C ALA A 238 16.83 20.18 -2.31
N LEU A 239 17.77 20.02 -1.38
CA LEU A 239 18.85 19.05 -1.58
C LEU A 239 18.37 17.60 -1.58
N VAL A 240 17.36 17.28 -0.77
CA VAL A 240 16.83 15.90 -0.77
C VAL A 240 16.21 15.58 -2.13
N MET A 241 15.31 16.45 -2.56
CA MET A 241 14.63 16.22 -3.83
C MET A 241 15.64 16.19 -4.97
N LEU A 242 16.55 17.15 -4.99
CA LEU A 242 17.59 17.22 -6.00
C LEU A 242 18.37 15.91 -6.04
N LEU A 243 18.78 15.44 -4.87
CA LEU A 243 19.45 14.15 -4.76
C LEU A 243 18.64 13.10 -5.49
N GLU A 244 17.34 13.02 -5.19
CA GLU A 244 16.46 12.07 -5.88
C GLU A 244 16.46 12.20 -7.42
N VAL A 245 16.19 13.40 -7.93
CA VAL A 245 16.09 13.65 -9.38
C VAL A 245 17.41 13.79 -10.15
N ARG A 246 18.33 14.61 -9.64
CA ARG A 246 19.60 14.78 -10.34
C ARG A 246 20.79 14.40 -9.49
N MET A 247 21.39 13.27 -9.80
CA MET A 247 22.56 12.81 -9.07
C MET A 247 23.75 13.55 -9.61
N ASP A 248 23.73 13.77 -10.92
CA ASP A 248 24.88 14.30 -11.64
C ASP A 248 25.40 15.63 -11.10
N ARG A 249 24.55 16.65 -11.06
CA ARG A 249 25.06 17.97 -10.72
C ARG A 249 25.43 18.09 -9.24
N LEU A 250 24.91 17.19 -8.42
CA LEU A 250 25.30 17.13 -7.01
C LEU A 250 26.64 16.42 -6.76
N LEU A 251 26.97 15.46 -7.62
CA LEU A 251 28.14 14.60 -7.43
C LEU A 251 29.44 15.30 -7.03
N PRO A 252 29.87 16.32 -7.79
CA PRO A 252 31.14 16.98 -7.50
C PRO A 252 31.19 17.57 -6.10
N HIS A 253 30.05 18.03 -5.60
CA HIS A 253 30.00 18.70 -4.32
C HIS A 253 29.62 17.76 -3.19
N MET A 254 29.48 16.47 -3.52
CA MET A 254 28.81 15.52 -2.63
C MET A 254 29.30 15.55 -1.19
N HIS A 255 30.61 15.41 -0.98
CA HIS A 255 31.08 15.28 0.39
CA HIS A 255 31.20 15.32 0.36
C HIS A 255 30.89 16.53 1.23
N ASN A 256 30.96 17.72 0.63
CA ASN A 256 30.59 18.93 1.36
C ASN A 256 29.12 18.91 1.71
N ILE A 257 28.32 18.39 0.79
CA ILE A 257 26.88 18.32 0.97
C ILE A 257 26.50 17.39 2.12
N VAL A 258 27.10 16.20 2.19
CA VAL A 258 26.79 15.30 3.29
C VAL A 258 27.42 15.81 4.58
N GLU A 259 28.53 16.54 4.46
CA GLU A 259 29.10 17.23 5.62
C GLU A 259 28.06 18.21 6.18
N TYR A 260 27.35 18.88 5.29
CA TYR A 260 26.37 19.89 5.67
C TYR A 260 25.14 19.22 6.26
N MET A 261 24.70 18.15 5.62
CA MET A 261 23.48 17.48 6.03
C MET A 261 23.67 16.78 7.37
N LEU A 262 24.87 16.25 7.59
CA LEU A 262 25.18 15.60 8.87
C LEU A 262 25.09 16.62 9.99
N GLN A 263 25.41 17.87 9.65
CA GLN A 263 25.31 18.95 10.62
C GLN A 263 23.86 19.38 10.83
N ARG A 264 23.11 19.49 9.75
CA ARG A 264 21.70 19.90 9.83
C ARG A 264 20.88 18.87 10.59
N THR A 265 21.27 17.61 10.48
CA THR A 265 20.54 16.51 11.12
C THR A 265 20.62 16.65 12.63
N GLN A 266 21.70 17.25 13.10
CA GLN A 266 21.92 17.50 14.53
C GLN A 266 21.41 18.88 14.93
N ASP A 267 20.76 19.58 14.00
CA ASP A 267 20.33 20.95 14.20
C ASP A 267 19.46 21.10 15.46
N GLN A 268 19.59 22.24 16.11
CA GLN A 268 18.78 22.60 17.26
C GLN A 268 17.29 22.56 16.95
N ASP A 269 16.90 23.05 15.77
CA ASP A 269 15.49 23.13 15.40
C ASP A 269 15.08 21.84 14.72
N GLU A 270 14.19 21.08 15.36
CA GLU A 270 13.90 19.72 14.91
C GLU A 270 13.22 19.64 13.55
N ASN A 271 12.71 20.75 13.03
CA ASN A 271 12.17 20.77 11.68
C ASN A 271 13.26 20.68 10.63
N VAL A 272 14.22 21.59 10.75
CA VAL A 272 15.43 21.55 9.96
C VAL A 272 15.98 20.14 10.06
N ALA A 273 16.08 19.64 11.29
CA ALA A 273 16.65 18.31 11.54
C ALA A 273 15.91 17.21 10.81
N LEU A 274 14.58 17.28 10.77
CA LEU A 274 13.78 16.29 10.05
C LEU A 274 14.06 16.35 8.56
N GLU A 275 13.90 17.55 8.00
CA GLU A 275 14.14 17.78 6.57
C GLU A 275 15.53 17.33 6.13
N ALA A 276 16.51 17.45 7.03
CA ALA A 276 17.86 16.98 6.76
C ALA A 276 17.96 15.45 6.83
N CYS A 277 17.44 14.89 7.93
CA CYS A 277 17.45 13.44 8.14
C CYS A 277 16.85 12.71 6.94
N GLU A 278 15.85 13.32 6.30
CA GLU A 278 15.29 12.77 5.07
C GLU A 278 16.38 12.38 4.07
N PHE A 279 17.41 13.21 4.00
CA PHE A 279 18.50 13.07 3.06
C PHE A 279 19.15 11.68 3.09
N TRP A 280 19.22 11.06 4.28
CA TRP A 280 19.85 9.74 4.40
C TRP A 280 18.93 8.67 3.88
N LEU A 281 17.63 8.81 4.17
CA LEU A 281 16.62 7.94 3.59
C LEU A 281 16.74 7.95 2.07
N THR A 282 16.79 9.14 1.49
CA THR A 282 16.87 9.23 0.05
C THR A 282 18.21 8.73 -0.53
N LEU A 283 19.30 8.96 0.21
CA LEU A 283 20.62 8.56 -0.26
C LEU A 283 20.80 7.05 -0.23
N ALA A 284 20.20 6.40 0.77
CA ALA A 284 20.28 4.95 0.88
C ALA A 284 19.62 4.21 -0.30
N GLU A 285 18.80 4.91 -1.06
CA GLU A 285 18.17 4.32 -2.25
C GLU A 285 19.13 4.32 -3.44
N GLN A 286 20.01 5.31 -3.50
CA GLN A 286 20.94 5.43 -4.61
C GLN A 286 22.00 4.32 -4.57
N PRO A 287 22.47 3.88 -5.75
CA PRO A 287 23.45 2.79 -5.86
C PRO A 287 24.86 3.17 -5.38
N ILE A 288 25.20 4.45 -5.40
CA ILE A 288 26.55 4.90 -5.04
C ILE A 288 26.68 5.21 -3.54
N CYS A 289 25.63 4.90 -2.79
CA CYS A 289 25.56 5.25 -1.38
C CYS A 289 26.82 4.89 -0.58
N LYS A 290 27.25 3.63 -0.69
CA LYS A 290 28.41 3.17 0.08
C LYS A 290 29.62 4.07 -0.13
N ASP A 291 29.86 4.43 -1.39
CA ASP A 291 31.02 5.22 -1.78
C ASP A 291 30.98 6.64 -1.23
N VAL A 292 29.80 7.22 -1.22
CA VAL A 292 29.65 8.58 -0.74
C VAL A 292 29.72 8.65 0.78
N LEU A 293 29.16 7.64 1.45
CA LEU A 293 29.04 7.65 2.90
C LEU A 293 30.30 7.21 3.65
N VAL A 294 31.34 6.85 2.92
CA VAL A 294 32.62 6.57 3.55
C VAL A 294 33.10 7.78 4.33
N ARG A 295 33.62 7.53 5.52
CA ARG A 295 34.26 8.56 6.33
C ARG A 295 33.25 9.50 6.98
N HIS A 296 32.01 9.53 6.49
CA HIS A 296 30.95 10.14 7.29
C HIS A 296 30.09 9.14 8.05
N LEU A 297 30.30 7.87 7.77
CA LEU A 297 29.38 6.84 8.25
C LEU A 297 29.44 6.71 9.77
N PRO A 298 30.66 6.59 10.33
CA PRO A 298 30.87 6.37 11.76
C PRO A 298 30.17 7.42 12.61
N LYS A 299 30.14 8.67 12.15
CA LYS A 299 29.38 9.69 12.87
C LYS A 299 27.89 9.54 12.58
N LEU A 300 27.56 9.37 11.31
CA LEU A 300 26.19 9.30 10.84
C LEU A 300 25.33 8.31 11.65
N ILE A 301 25.89 7.13 11.92
CA ILE A 301 25.10 6.12 12.63
C ILE A 301 24.72 6.49 14.06
N PRO A 302 25.70 6.86 14.89
CA PRO A 302 25.34 7.38 16.21
C PRO A 302 24.31 8.52 16.15
N VAL A 303 24.48 9.45 15.21
CA VAL A 303 23.55 10.56 15.03
C VAL A 303 22.13 10.05 14.82
N LEU A 304 21.98 9.07 13.94
CA LEU A 304 20.69 8.45 13.66
C LEU A 304 20.15 7.73 14.89
N VAL A 305 21.04 7.07 15.63
CA VAL A 305 20.64 6.31 16.81
C VAL A 305 20.25 7.24 17.94
N ASN A 306 20.76 8.46 17.89
CA ASN A 306 20.41 9.46 18.89
C ASN A 306 19.04 10.10 18.62
N GLY A 307 18.72 10.29 17.35
CA GLY A 307 17.44 10.87 16.96
C GLY A 307 16.27 9.92 17.17
N MET A 308 16.59 8.67 17.48
CA MET A 308 15.60 7.61 17.51
C MET A 308 14.90 7.47 18.86
N LYS A 309 15.36 8.19 19.86
CA LYS A 309 14.60 8.27 21.10
C LYS A 309 13.48 9.29 20.95
N TYR A 310 12.38 9.02 21.66
CA TYR A 310 11.22 9.90 21.71
C TYR A 310 11.63 11.31 22.09
N SER A 311 11.20 12.31 21.33
CA SER A 311 11.42 13.69 21.73
C SER A 311 10.64 13.93 23.02
N ASP A 312 11.06 14.91 23.81
CA ASP A 312 10.45 15.14 25.11
C ASP A 312 8.94 15.38 25.06
N ILE A 313 8.50 16.15 24.05
CA ILE A 313 7.08 16.42 23.88
C ILE A 313 6.24 15.14 23.77
N ASP A 314 6.72 14.18 22.99
CA ASP A 314 6.03 12.91 22.80
C ASP A 314 6.05 12.08 24.08
N ILE A 315 7.18 12.11 24.78
CA ILE A 315 7.33 11.40 26.04
C ILE A 315 6.30 11.92 27.02
N ILE A 316 6.01 13.22 26.94
CA ILE A 316 4.96 13.79 27.76
C ILE A 316 3.56 13.38 27.29
N LEU A 317 3.31 13.51 26.00
CA LEU A 317 2.01 13.20 25.42
C LEU A 317 1.59 11.76 25.71
N LEU A 318 2.43 10.81 25.30
CA LEU A 318 2.27 9.43 25.72
C LEU A 318 2.77 9.35 27.17
N LYS A 319 2.32 8.34 27.91
CA LYS A 319 2.71 8.22 29.33
C LYS A 319 2.10 9.36 30.16
N SER A 371 1.87 9.96 16.04
CA SER A 371 0.79 9.93 15.05
C SER A 371 1.35 10.13 13.64
N ASP A 372 2.35 11.00 13.53
CA ASP A 372 2.87 11.44 12.24
C ASP A 372 4.39 11.38 12.14
N TRP A 373 4.89 11.55 10.92
CA TRP A 373 6.32 11.50 10.63
C TRP A 373 7.08 12.51 11.48
N ASN A 374 8.07 12.02 12.22
CA ASN A 374 8.87 12.86 13.10
C ASN A 374 10.34 12.50 12.96
N LEU A 375 11.22 13.21 13.67
CA LEU A 375 12.64 12.93 13.59
C LEU A 375 12.96 11.47 13.90
N ARG A 376 12.25 10.92 14.89
CA ARG A 376 12.50 9.56 15.34
C ARG A 376 12.18 8.52 14.28
N LYS A 377 11.03 8.67 13.64
CA LYS A 377 10.62 7.74 12.58
C LYS A 377 11.52 7.85 11.36
N CYS A 378 11.87 9.07 10.96
CA CYS A 378 12.79 9.24 9.84
C CYS A 378 14.16 8.63 10.14
N SER A 379 14.68 8.88 11.34
CA SER A 379 15.97 8.31 11.74
C SER A 379 15.88 6.79 11.66
N ALA A 380 14.88 6.22 12.33
CA ALA A 380 14.68 4.77 12.35
C ALA A 380 14.61 4.18 10.93
N ALA A 381 13.82 4.82 10.08
CA ALA A 381 13.63 4.40 8.70
C ALA A 381 14.98 4.36 7.97
N ALA A 382 15.71 5.46 8.10
CA ALA A 382 17.02 5.60 7.48
C ALA A 382 17.98 4.51 7.98
N LEU A 383 17.89 4.18 9.25
CA LEU A 383 18.72 3.12 9.81
C LEU A 383 18.35 1.75 9.25
N ASP A 384 17.06 1.47 9.12
CA ASP A 384 16.60 0.22 8.52
C ASP A 384 17.17 0.08 7.10
N VAL A 385 16.88 1.09 6.26
CA VAL A 385 17.38 1.11 4.89
C VAL A 385 18.89 0.92 4.82
N LEU A 386 19.63 1.72 5.59
CA LEU A 386 21.08 1.59 5.61
C LEU A 386 21.49 0.16 5.95
N ALA A 387 20.92 -0.38 7.02
CA ALA A 387 21.24 -1.74 7.44
C ALA A 387 20.97 -2.75 6.31
N ASN A 388 20.03 -2.42 5.44
CA ASN A 388 19.84 -3.21 4.23
C ASN A 388 20.91 -2.99 3.18
N VAL A 389 21.47 -1.78 3.13
CA VAL A 389 22.56 -1.48 2.21
C VAL A 389 23.89 -2.13 2.60
N TYR A 390 24.31 -1.88 3.83
CA TYR A 390 25.58 -2.37 4.33
C TYR A 390 25.50 -3.80 4.85
N ARG A 391 24.27 -4.25 5.14
CA ARG A 391 24.06 -5.56 5.74
C ARG A 391 25.04 -5.81 6.91
N ASP A 392 25.67 -6.97 6.96
CA ASP A 392 26.50 -7.35 8.12
C ASP A 392 27.65 -6.39 8.40
N GLU A 393 27.95 -5.53 7.44
CA GLU A 393 29.09 -4.63 7.56
C GLU A 393 28.81 -3.49 8.53
N LEU A 394 27.53 -3.33 8.88
CA LEU A 394 27.08 -2.27 9.77
C LEU A 394 27.35 -2.60 11.24
N LEU A 395 27.30 -3.89 11.54
CA LEU A 395 27.35 -4.40 12.92
C LEU A 395 28.46 -3.88 13.85
N PRO A 396 29.68 -3.69 13.32
CA PRO A 396 30.71 -3.08 14.18
C PRO A 396 30.34 -1.66 14.64
N HIS A 397 29.54 -0.94 13.86
CA HIS A 397 29.08 0.39 14.24
CA HIS A 397 29.08 0.39 14.24
C HIS A 397 27.91 0.34 15.22
N ILE A 398 27.01 -0.62 15.02
CA ILE A 398 25.81 -0.71 15.85
C ILE A 398 26.04 -1.36 17.22
N LEU A 399 26.82 -2.43 17.23
CA LEU A 399 27.00 -3.24 18.42
C LEU A 399 27.37 -2.41 19.66
N PRO A 400 28.38 -1.54 19.54
CA PRO A 400 28.73 -0.74 20.72
C PRO A 400 27.55 0.08 21.21
N LEU A 401 26.87 0.77 20.29
CA LEU A 401 25.66 1.52 20.63
C LEU A 401 24.68 0.63 21.38
N LEU A 402 24.31 -0.49 20.77
CA LEU A 402 23.37 -1.43 21.37
C LEU A 402 23.81 -1.88 22.75
N LYS A 403 25.12 -2.07 22.92
CA LYS A 403 25.64 -2.53 24.21
C LYS A 403 25.33 -1.52 25.32
N GLU A 404 25.45 -0.23 25.01
CA GLU A 404 25.13 0.79 26.01
C GLU A 404 23.62 1.08 26.16
N LEU A 405 22.88 1.01 25.05
CA LEU A 405 21.45 1.33 25.07
C LEU A 405 20.57 0.23 25.66
N LEU A 406 20.78 -1.01 25.22
CA LEU A 406 19.89 -2.12 25.56
C LEU A 406 19.65 -2.34 27.04
N PHE A 407 20.71 -2.24 27.83
CA PHE A 407 20.62 -2.55 29.25
C PHE A 407 20.47 -1.33 30.17
N HIS A 408 20.41 -0.16 29.56
CA HIS A 408 20.38 1.12 30.26
C HIS A 408 19.24 1.23 31.29
N HIS A 409 19.51 1.96 32.38
CA HIS A 409 18.54 2.15 33.46
C HIS A 409 17.54 3.27 33.20
N GLU A 410 17.81 4.09 32.18
CA GLU A 410 16.85 5.10 31.74
C GLU A 410 16.02 4.54 30.59
N TRP A 411 14.73 4.36 30.84
CA TRP A 411 13.87 3.64 29.89
C TRP A 411 13.80 4.25 28.49
N VAL A 412 13.98 5.57 28.36
CA VAL A 412 13.99 6.17 27.02
C VAL A 412 15.15 5.62 26.19
N VAL A 413 16.30 5.51 26.84
CA VAL A 413 17.49 4.94 26.21
C VAL A 413 17.28 3.48 25.81
N LYS A 414 16.87 2.66 26.78
CA LYS A 414 16.59 1.25 26.57
C LYS A 414 15.66 1.07 25.40
N GLU A 415 14.61 1.89 25.38
CA GLU A 415 13.61 1.89 24.34
C GLU A 415 14.26 2.16 22.99
N SER A 416 15.01 3.25 22.89
CA SER A 416 15.66 3.57 21.63
C SER A 416 16.56 2.42 21.16
N GLY A 417 17.11 1.68 22.13
CA GLY A 417 17.96 0.54 21.84
C GLY A 417 17.18 -0.59 21.19
N ILE A 418 16.08 -0.98 21.85
CA ILE A 418 15.19 -2.00 21.32
C ILE A 418 14.71 -1.62 19.91
N LEU A 419 14.38 -0.35 19.75
CA LEU A 419 14.03 0.18 18.45
C LEU A 419 15.13 -0.10 17.44
N VAL A 420 16.34 0.32 17.76
CA VAL A 420 17.49 0.03 16.91
C VAL A 420 17.58 -1.45 16.51
N LEU A 421 17.45 -2.33 17.50
CA LEU A 421 17.49 -3.78 17.28
C LEU A 421 16.49 -4.19 16.19
N GLY A 422 15.23 -3.80 16.41
CA GLY A 422 14.20 -4.03 15.42
C GLY A 422 14.55 -3.51 14.03
N ALA A 423 14.97 -2.24 13.98
CA ALA A 423 15.25 -1.56 12.71
C ALA A 423 16.34 -2.25 11.88
N ILE A 424 17.42 -2.63 12.55
CA ILE A 424 18.52 -3.27 11.82
C ILE A 424 18.29 -4.76 11.62
N ALA A 425 17.25 -5.31 12.25
CA ALA A 425 16.97 -6.76 12.12
C ALA A 425 17.03 -7.31 10.67
N GLU A 426 16.34 -6.66 9.75
CA GLU A 426 16.24 -7.17 8.39
C GLU A 426 17.58 -7.26 7.69
N GLY A 427 18.29 -6.15 7.64
CA GLY A 427 19.56 -6.10 6.91
C GLY A 427 20.70 -6.84 7.59
N CYS A 428 20.72 -6.77 8.92
CA CYS A 428 21.81 -7.34 9.72
C CYS A 428 21.54 -8.73 10.28
N MET A 429 20.40 -9.33 9.92
CA MET A 429 19.97 -10.57 10.55
C MET A 429 21.10 -11.62 10.66
N GLN A 430 21.78 -11.85 9.55
CA GLN A 430 22.84 -12.86 9.52
C GLN A 430 23.91 -12.61 10.58
N GLY A 431 24.41 -11.38 10.61
CA GLY A 431 25.44 -11.01 11.56
C GLY A 431 24.94 -11.02 13.00
N MET A 432 23.64 -10.81 13.16
CA MET A 432 23.04 -10.75 14.49
C MET A 432 22.71 -12.13 15.06
N ILE A 433 22.67 -13.15 14.20
CA ILE A 433 22.37 -14.50 14.67
C ILE A 433 23.18 -14.93 15.91
N PRO A 434 24.50 -14.68 15.89
CA PRO A 434 25.30 -15.10 17.06
C PRO A 434 24.77 -14.51 18.37
N TYR A 435 24.25 -13.29 18.32
CA TYR A 435 23.87 -12.60 19.54
C TYR A 435 22.42 -12.84 20.00
N LEU A 436 21.63 -13.52 19.17
CA LEU A 436 20.22 -13.74 19.50
C LEU A 436 19.97 -14.61 20.73
N PRO A 437 20.75 -15.69 20.89
CA PRO A 437 20.50 -16.56 22.05
C PRO A 437 20.57 -15.80 23.36
N GLU A 438 21.40 -14.77 23.41
CA GLU A 438 21.44 -13.87 24.57
C GLU A 438 20.33 -12.82 24.55
N LEU A 439 20.09 -12.24 23.37
CA LEU A 439 19.17 -11.11 23.25
C LEU A 439 17.68 -11.46 23.36
N ILE A 440 17.27 -12.54 22.71
CA ILE A 440 15.85 -12.89 22.63
C ILE A 440 15.25 -13.18 24.00
N PRO A 441 15.98 -13.93 24.85
CA PRO A 441 15.45 -14.17 26.19
C PRO A 441 15.43 -12.87 27.00
N HIS A 442 16.28 -11.92 26.59
CA HIS A 442 16.29 -10.60 27.21
C HIS A 442 15.05 -9.80 26.81
N LEU A 443 14.68 -9.87 25.53
CA LEU A 443 13.49 -9.16 25.05
C LEU A 443 12.23 -9.75 25.65
N ILE A 444 12.15 -11.08 25.70
CA ILE A 444 11.03 -11.74 26.34
C ILE A 444 10.86 -11.25 27.78
N GLN A 445 11.97 -10.90 28.40
CA GLN A 445 11.95 -10.33 29.74
C GLN A 445 11.41 -8.90 29.72
N CYS A 446 11.80 -8.13 28.70
CA CYS A 446 11.36 -6.74 28.56
C CYS A 446 9.84 -6.59 28.39
N LEU A 447 9.19 -7.59 27.77
CA LEU A 447 7.74 -7.52 27.58
C LEU A 447 7.03 -7.33 28.91
N SER A 448 7.73 -7.68 29.99
CA SER A 448 7.16 -7.58 31.33
C SER A 448 7.57 -6.25 31.97
N ASP A 449 8.28 -5.42 31.21
CA ASP A 449 8.81 -4.17 31.74
C ASP A 449 7.71 -3.27 32.28
N LYS A 450 8.01 -2.57 33.37
CA LYS A 450 7.07 -1.68 34.02
C LYS A 450 6.54 -0.59 33.08
N LYS A 451 7.40 -0.09 32.20
CA LYS A 451 6.99 0.97 31.28
C LYS A 451 6.36 0.44 29.98
N ALA A 452 5.26 1.06 29.57
CA ALA A 452 4.46 0.57 28.45
C ALA A 452 5.16 0.68 27.10
N LEU A 453 5.86 1.79 26.88
CA LEU A 453 6.48 2.03 25.57
C LEU A 453 7.59 0.99 25.29
N VAL A 454 8.26 0.59 26.38
CA VAL A 454 9.18 -0.54 26.34
C VAL A 454 8.48 -1.83 25.93
N ARG A 455 7.38 -2.17 26.61
CA ARG A 455 6.62 -3.36 26.23
C ARG A 455 6.25 -3.36 24.74
N SER A 456 5.67 -2.27 24.26
CA SER A 456 5.26 -2.23 22.84
C SER A 456 6.44 -2.38 21.89
N ILE A 457 7.45 -1.54 22.04
CA ILE A 457 8.56 -1.63 21.10
C ILE A 457 9.19 -3.04 21.14
N THR A 458 9.20 -3.64 22.33
CA THR A 458 9.67 -5.02 22.50
C THR A 458 8.85 -6.00 21.66
N CYS A 459 7.53 -5.90 21.77
CA CYS A 459 6.63 -6.69 20.93
C CYS A 459 7.04 -6.58 19.45
N TRP A 460 7.21 -5.35 18.99
CA TRP A 460 7.60 -5.19 17.58
C TRP A 460 8.93 -5.86 17.22
N THR A 461 9.99 -5.55 17.98
CA THR A 461 11.33 -6.08 17.68
C THR A 461 11.39 -7.61 17.70
N LEU A 462 10.84 -8.20 18.78
CA LEU A 462 10.64 -9.65 18.79
C LEU A 462 9.95 -10.10 17.50
N SER A 463 8.86 -9.43 17.14
CA SER A 463 8.16 -9.79 15.92
C SER A 463 9.11 -9.80 14.72
N ARG A 464 10.06 -8.86 14.70
CA ARG A 464 11.04 -8.82 13.62
C ARG A 464 12.08 -9.94 13.68
N TYR A 465 12.26 -10.53 14.85
CA TYR A 465 13.10 -11.75 14.95
C TYR A 465 12.34 -13.10 14.91
N ALA A 466 11.03 -13.00 14.69
CA ALA A 466 10.15 -14.16 14.71
C ALA A 466 10.67 -15.35 13.92
N HIS A 467 11.16 -15.12 12.70
CA HIS A 467 11.62 -16.24 11.86
C HIS A 467 12.69 -17.07 12.56
N TRP A 468 13.78 -16.41 12.96
CA TRP A 468 14.81 -17.11 13.69
C TRP A 468 14.17 -17.82 14.88
N VAL A 469 13.26 -17.13 15.59
CA VAL A 469 12.63 -17.80 16.73
C VAL A 469 11.93 -19.14 16.39
N VAL A 470 11.17 -19.20 15.31
CA VAL A 470 10.51 -20.46 14.98
C VAL A 470 11.49 -21.48 14.41
N SER A 471 12.56 -21.02 13.76
CA SER A 471 13.55 -21.95 13.23
C SER A 471 14.30 -22.73 14.33
N GLN A 472 14.31 -22.20 15.55
CA GLN A 472 14.90 -22.89 16.71
C GLN A 472 13.90 -23.81 17.42
N PRO A 473 14.42 -24.76 18.25
CA PRO A 473 13.56 -25.67 19.02
C PRO A 473 12.48 -24.91 19.77
N PRO A 474 11.24 -25.39 19.68
CA PRO A 474 10.07 -24.64 20.11
C PRO A 474 10.06 -24.29 21.60
N ASP A 475 10.57 -25.17 22.45
CA ASP A 475 10.43 -24.96 23.89
C ASP A 475 11.34 -23.86 24.46
N THR A 476 12.46 -23.60 23.81
CA THR A 476 13.45 -22.66 24.34
C THR A 476 13.09 -21.18 24.08
N TYR A 477 12.55 -20.91 22.89
CA TYR A 477 12.24 -19.54 22.48
C TYR A 477 10.77 -19.33 22.15
N LEU A 478 10.30 -20.03 21.12
CA LEU A 478 8.95 -19.86 20.64
C LEU A 478 7.89 -19.92 21.75
N LYS A 479 7.95 -20.96 22.59
CA LYS A 479 6.94 -21.17 23.63
C LYS A 479 6.86 -20.02 24.65
N PRO A 480 7.99 -19.68 25.26
CA PRO A 480 7.97 -18.54 26.18
C PRO A 480 7.43 -17.31 25.47
N LEU A 481 7.97 -17.06 24.29
CA LEU A 481 7.62 -15.87 23.52
C LEU A 481 6.11 -15.78 23.35
N MET A 482 5.50 -16.90 23.01
CA MET A 482 4.07 -16.92 22.76
C MET A 482 3.28 -16.72 24.06
N THR A 483 3.70 -17.39 25.13
CA THR A 483 3.04 -17.19 26.41
C THR A 483 3.02 -15.71 26.80
N GLU A 484 4.19 -15.06 26.70
CA GLU A 484 4.33 -13.68 27.14
C GLU A 484 3.61 -12.72 26.19
N LEU A 485 3.60 -13.03 24.91
CA LEU A 485 2.88 -12.22 23.91
C LEU A 485 1.38 -12.29 24.16
N LEU A 486 0.88 -13.49 24.40
CA LEU A 486 -0.52 -13.70 24.78
C LEU A 486 -0.86 -12.91 26.03
N LYS A 487 0.01 -12.98 27.04
CA LYS A 487 -0.20 -12.15 28.23
C LYS A 487 -0.34 -10.69 27.81
N ARG A 488 0.59 -10.21 26.98
CA ARG A 488 0.64 -8.80 26.60
C ARG A 488 -0.53 -8.35 25.72
N ILE A 489 -1.22 -9.30 25.08
CA ILE A 489 -2.39 -8.96 24.28
C ILE A 489 -3.48 -8.36 25.17
N LEU A 490 -3.54 -8.86 26.40
CA LEU A 490 -4.51 -8.46 27.41
C LEU A 490 -4.00 -7.27 28.24
N ASP A 491 -2.87 -6.70 27.83
CA ASP A 491 -2.25 -5.61 28.58
C ASP A 491 -3.25 -4.49 28.81
N SER A 492 -3.19 -3.87 29.98
CA SER A 492 -4.16 -2.83 30.31
C SER A 492 -4.03 -1.60 29.41
N ASN A 493 -2.88 -1.43 28.75
CA ASN A 493 -2.65 -0.30 27.85
C ASN A 493 -2.96 -0.60 26.38
N LYS A 494 -3.64 0.33 25.71
CA LYS A 494 -4.05 0.12 24.31
C LYS A 494 -2.90 0.03 23.31
N ARG A 495 -1.87 0.85 23.49
CA ARG A 495 -0.70 0.79 22.61
C ARG A 495 -0.06 -0.58 22.69
N VAL A 496 0.06 -1.09 23.91
CA VAL A 496 0.63 -2.40 24.09
C VAL A 496 -0.30 -3.49 23.53
N GLN A 497 -1.61 -3.31 23.67
CA GLN A 497 -2.55 -4.24 23.06
C GLN A 497 -2.32 -4.33 21.54
N GLU A 498 -2.30 -3.18 20.87
CA GLU A 498 -2.10 -3.15 19.43
C GLU A 498 -0.75 -3.73 19.00
N ALA A 499 0.31 -3.32 19.70
CA ALA A 499 1.66 -3.80 19.36
C ALA A 499 1.78 -5.31 19.54
N ALA A 500 1.26 -5.80 20.66
CA ALA A 500 1.30 -7.22 21.00
C ALA A 500 0.48 -8.03 20.01
N CYS A 501 -0.72 -7.54 19.71
CA CYS A 501 -1.60 -8.19 18.74
C CYS A 501 -0.95 -8.30 17.37
N SER A 502 -0.35 -7.20 16.91
CA SER A 502 0.33 -7.18 15.61
C SER A 502 1.49 -8.16 15.61
N ALA A 503 2.33 -8.08 16.63
CA ALA A 503 3.47 -8.97 16.77
C ALA A 503 3.00 -10.40 16.67
N PHE A 504 1.99 -10.73 17.48
CA PHE A 504 1.46 -12.07 17.55
C PHE A 504 0.94 -12.56 16.19
N ALA A 505 0.27 -11.67 15.46
CA ALA A 505 -0.15 -11.99 14.10
C ALA A 505 1.06 -12.33 13.23
N THR A 506 2.11 -11.52 13.36
CA THR A 506 3.36 -11.73 12.63
C THR A 506 3.95 -13.12 12.94
N LEU A 507 3.93 -13.48 14.22
CA LEU A 507 4.43 -14.75 14.68
C LEU A 507 3.59 -15.90 14.12
N GLU A 508 2.28 -15.70 14.07
CA GLU A 508 1.39 -16.75 13.58
C GLU A 508 1.69 -17.00 12.12
N GLU A 509 1.83 -15.91 11.38
CA GLU A 509 2.24 -15.98 9.98
C GLU A 509 3.54 -16.76 9.84
N GLU A 510 4.51 -16.50 10.73
CA GLU A 510 5.82 -17.16 10.63
C GLU A 510 5.85 -18.63 11.06
N ALA A 511 5.11 -18.95 12.11
CA ALA A 511 5.02 -20.33 12.57
C ALA A 511 3.61 -20.83 12.35
N CYS A 512 3.42 -21.70 11.39
CA CYS A 512 2.08 -22.19 11.09
C CYS A 512 2.04 -23.68 11.37
N THR A 513 1.00 -24.12 12.05
CA THR A 513 0.86 -25.52 12.44
C THR A 513 1.77 -25.80 13.62
N GLU A 514 2.70 -24.89 13.87
CA GLU A 514 3.52 -24.92 15.07
C GLU A 514 2.66 -24.40 16.20
N LEU A 515 1.65 -23.62 15.81
CA LEU A 515 0.73 -23.02 16.76
C LEU A 515 -0.25 -24.06 17.29
N VAL A 516 -0.53 -25.08 16.48
CA VAL A 516 -1.62 -26.02 16.74
C VAL A 516 -1.72 -26.53 18.19
N PRO A 517 -0.61 -27.04 18.75
CA PRO A 517 -0.63 -27.57 20.11
C PRO A 517 -1.19 -26.55 21.09
N TYR A 518 -0.93 -25.28 20.81
CA TYR A 518 -1.28 -24.19 21.71
C TYR A 518 -2.63 -23.53 21.37
N LEU A 519 -3.31 -24.09 20.38
CA LEU A 519 -4.49 -23.45 19.79
C LEU A 519 -5.49 -23.01 20.84
N ALA A 520 -5.94 -23.95 21.68
CA ALA A 520 -6.92 -23.61 22.71
C ALA A 520 -6.42 -22.39 23.49
N TYR A 521 -5.19 -22.48 23.98
CA TYR A 521 -4.63 -21.41 24.80
C TYR A 521 -4.85 -20.10 24.04
N ILE A 522 -4.40 -20.07 22.79
CA ILE A 522 -4.49 -18.85 22.00
C ILE A 522 -5.93 -18.36 21.96
N LEU A 523 -6.86 -19.23 21.57
CA LEU A 523 -8.24 -18.80 21.46
C LEU A 523 -8.68 -18.19 22.78
N ASP A 524 -8.34 -18.86 23.88
CA ASP A 524 -8.75 -18.39 25.19
C ASP A 524 -8.47 -16.91 25.32
N THR A 525 -7.26 -16.49 24.97
CA THR A 525 -6.92 -15.08 25.10
C THR A 525 -7.58 -14.26 23.99
N LEU A 526 -7.52 -14.75 22.76
CA LEU A 526 -8.05 -13.99 21.63
C LEU A 526 -9.51 -13.58 21.83
N VAL A 527 -10.38 -14.55 22.09
CA VAL A 527 -11.78 -14.21 22.30
C VAL A 527 -11.96 -13.28 23.50
N PHE A 528 -11.13 -13.44 24.51
CA PHE A 528 -11.28 -12.60 25.69
C PHE A 528 -11.07 -11.15 25.28
N ALA A 529 -10.21 -10.95 24.29
CA ALA A 529 -9.89 -9.61 23.83
C ALA A 529 -11.15 -8.92 23.33
N PHE A 530 -12.07 -9.72 22.78
CA PHE A 530 -13.36 -9.19 22.32
C PHE A 530 -14.06 -8.36 23.40
N SER A 531 -13.89 -8.75 24.66
CA SER A 531 -14.47 -8.00 25.76
C SER A 531 -13.68 -6.76 26.15
N LYS A 532 -12.35 -6.83 26.02
CA LYS A 532 -11.50 -5.74 26.48
C LYS A 532 -11.19 -4.69 25.40
N TYR A 533 -11.58 -4.96 24.16
CA TYR A 533 -11.11 -4.13 23.05
C TYR A 533 -12.00 -2.95 22.62
N GLN A 534 -11.32 -1.83 22.38
CA GLN A 534 -11.92 -0.52 22.15
C GLN A 534 -12.32 -0.29 20.69
N HIS A 535 -12.15 -1.31 19.86
CA HIS A 535 -12.53 -1.25 18.44
C HIS A 535 -11.48 -0.60 17.53
N LYS A 536 -10.49 0.08 18.09
CA LYS A 536 -9.35 0.51 17.29
C LYS A 536 -8.43 -0.69 17.13
N ASN A 537 -8.29 -1.41 18.24
CA ASN A 537 -7.53 -2.65 18.31
C ASN A 537 -8.34 -3.83 17.79
N LEU A 538 -9.65 -3.75 17.95
CA LEU A 538 -10.53 -4.84 17.54
C LEU A 538 -10.23 -5.26 16.11
N LEU A 539 -9.86 -4.30 15.27
CA LEU A 539 -9.50 -4.58 13.87
C LEU A 539 -8.22 -5.43 13.78
N ILE A 540 -7.21 -5.00 14.54
CA ILE A 540 -5.99 -5.78 14.65
C ILE A 540 -6.32 -7.18 15.19
N LEU A 541 -7.33 -7.26 16.06
CA LEU A 541 -7.75 -8.54 16.61
C LEU A 541 -8.37 -9.43 15.52
N TYR A 542 -9.20 -8.85 14.67
CA TYR A 542 -9.72 -9.58 13.52
C TYR A 542 -8.57 -10.09 12.67
N ASP A 543 -7.66 -9.21 12.27
CA ASP A 543 -6.49 -9.66 11.51
C ASP A 543 -5.74 -10.81 12.19
N ALA A 544 -5.60 -10.75 13.52
CA ALA A 544 -4.98 -11.84 14.27
C ALA A 544 -5.76 -13.13 14.09
N ILE A 545 -7.08 -13.05 14.19
CA ILE A 545 -7.93 -14.23 14.07
C ILE A 545 -7.90 -14.84 12.66
N GLY A 546 -7.99 -13.99 11.64
CA GLY A 546 -7.89 -14.43 10.26
C GLY A 546 -6.56 -15.10 10.01
N THR A 547 -5.49 -14.51 10.57
CA THR A 547 -4.17 -15.10 10.41
C THR A 547 -4.08 -16.45 11.12
N LEU A 548 -4.69 -16.55 12.29
CA LEU A 548 -4.75 -17.82 13.00
C LEU A 548 -5.43 -18.87 12.13
N ALA A 549 -6.57 -18.50 11.54
CA ALA A 549 -7.32 -19.41 10.67
C ALA A 549 -6.45 -19.86 9.49
N ASP A 550 -5.77 -18.90 8.87
CA ASP A 550 -4.92 -19.21 7.73
C ASP A 550 -3.79 -20.16 8.12
N SER A 551 -3.25 -19.98 9.33
CA SER A 551 -2.10 -20.78 9.79
C SER A 551 -2.45 -22.19 10.23
N VAL A 552 -3.50 -22.34 11.05
CA VAL A 552 -3.87 -23.66 11.58
C VAL A 552 -4.89 -24.41 10.73
N GLY A 553 -5.44 -23.75 9.71
CA GLY A 553 -6.29 -24.42 8.74
C GLY A 553 -7.46 -25.20 9.33
N HIS A 554 -7.54 -26.47 8.98
CA HIS A 554 -8.65 -27.35 9.37
CA HIS A 554 -8.68 -27.30 9.38
C HIS A 554 -8.66 -27.66 10.87
N HIS A 555 -7.51 -27.52 11.51
CA HIS A 555 -7.43 -27.80 12.93
C HIS A 555 -8.34 -26.85 13.66
N LEU A 556 -8.79 -25.81 12.95
CA LEU A 556 -9.61 -24.80 13.59
C LEU A 556 -11.04 -25.27 13.83
N ASN A 557 -11.46 -26.34 13.16
CA ASN A 557 -12.86 -26.72 13.27
C ASN A 557 -13.11 -27.75 14.37
N LYS A 558 -13.70 -27.26 15.46
CA LYS A 558 -14.21 -28.08 16.55
C LYS A 558 -15.39 -27.34 17.15
N PRO A 559 -16.42 -28.07 17.62
CA PRO A 559 -17.62 -27.40 18.12
C PRO A 559 -17.35 -26.30 19.16
N GLU A 560 -16.46 -26.56 20.12
CA GLU A 560 -16.22 -25.59 21.18
C GLU A 560 -15.50 -24.35 20.67
N TYR A 561 -14.55 -24.56 19.77
CA TYR A 561 -13.83 -23.46 19.12
C TYR A 561 -14.80 -22.55 18.39
N ILE A 562 -15.73 -23.14 17.63
CA ILE A 562 -16.71 -22.39 16.86
C ILE A 562 -17.69 -21.64 17.76
N GLN A 563 -18.16 -22.34 18.80
CA GLN A 563 -19.06 -21.72 19.78
C GLN A 563 -18.39 -20.53 20.46
N MET A 564 -17.10 -20.64 20.70
CA MET A 564 -16.33 -19.58 21.37
C MET A 564 -16.09 -18.39 20.45
N LEU A 565 -15.69 -18.69 19.22
CA LEU A 565 -15.25 -17.69 18.25
C LEU A 565 -16.38 -16.94 17.57
N MET A 566 -17.40 -17.68 17.14
CA MET A 566 -18.42 -17.16 16.23
C MET A 566 -19.33 -16.07 16.80
N PRO A 567 -19.86 -16.28 18.02
CA PRO A 567 -20.83 -15.29 18.52
C PRO A 567 -20.33 -13.86 18.50
N PRO A 568 -19.10 -13.61 18.99
CA PRO A 568 -18.60 -12.23 19.05
C PRO A 568 -18.30 -11.66 17.67
N LEU A 569 -17.98 -12.54 16.71
CA LEU A 569 -17.78 -12.13 15.33
C LEU A 569 -19.12 -11.73 14.73
N ILE A 570 -20.09 -12.62 14.86
CA ILE A 570 -21.44 -12.36 14.40
C ILE A 570 -21.98 -11.09 15.04
N GLN A 571 -21.65 -10.88 16.32
CA GLN A 571 -22.10 -9.69 17.04
C GLN A 571 -21.66 -8.39 16.38
N LYS A 572 -20.36 -8.26 16.13
CA LYS A 572 -19.84 -7.04 15.52
C LYS A 572 -20.28 -6.94 14.06
N TRP A 573 -20.52 -8.10 13.45
CA TRP A 573 -21.04 -8.17 12.09
C TRP A 573 -22.41 -7.50 11.99
N ASN A 574 -23.34 -7.93 12.82
CA ASN A 574 -24.70 -7.39 12.83
C ASN A 574 -24.74 -5.88 13.05
N MET A 575 -23.82 -5.39 13.88
CA MET A 575 -23.86 -3.99 14.30
C MET A 575 -23.05 -3.04 13.40
N LEU A 576 -22.44 -3.58 12.34
CA LEU A 576 -21.72 -2.73 11.38
C LEU A 576 -22.57 -2.39 10.17
N LYS A 577 -22.52 -1.12 9.75
CA LYS A 577 -23.27 -0.69 8.58
C LYS A 577 -22.54 -0.96 7.26
N ASP A 578 -23.31 -1.26 6.21
CA ASP A 578 -22.76 -1.62 4.90
C ASP A 578 -21.91 -0.49 4.31
N GLU A 579 -22.01 0.69 4.91
CA GLU A 579 -21.26 1.85 4.47
C GLU A 579 -19.91 1.99 5.17
N ASP A 580 -19.67 1.17 6.20
CA ASP A 580 -18.51 1.35 7.08
C ASP A 580 -17.26 0.58 6.65
N LYS A 581 -16.15 1.31 6.46
CA LYS A 581 -14.89 0.71 6.03
C LYS A 581 -14.38 -0.38 6.99
N ASP A 582 -14.81 -0.33 8.25
CA ASP A 582 -14.34 -1.29 9.25
C ASP A 582 -14.77 -2.70 8.91
N LEU A 583 -15.69 -2.82 7.96
CA LEU A 583 -16.05 -4.13 7.43
C LEU A 583 -14.85 -4.87 6.84
N PHE A 584 -13.81 -4.14 6.42
CA PHE A 584 -12.72 -4.77 5.67
C PHE A 584 -11.93 -5.84 6.45
N PRO A 585 -11.47 -5.52 7.68
CA PRO A 585 -10.79 -6.53 8.51
C PRO A 585 -11.74 -7.65 8.91
N LEU A 586 -13.00 -7.29 9.14
CA LEU A 586 -14.00 -8.23 9.63
C LEU A 586 -14.32 -9.31 8.60
N LEU A 587 -14.51 -8.90 7.35
CA LEU A 587 -14.83 -9.85 6.29
C LEU A 587 -13.60 -10.59 5.79
N GLU A 588 -12.46 -9.91 5.82
CA GLU A 588 -11.22 -10.58 5.47
C GLU A 588 -10.90 -11.61 6.54
N CYS A 589 -11.35 -11.34 7.75
CA CYS A 589 -11.19 -12.28 8.85
C CYS A 589 -12.10 -13.50 8.68
N LEU A 590 -13.38 -13.26 8.39
CA LEU A 590 -14.34 -14.34 8.16
C LEU A 590 -13.95 -15.15 6.95
N SER A 591 -13.51 -14.47 5.90
CA SER A 591 -13.11 -15.13 4.68
C SER A 591 -12.11 -16.25 4.98
N SER A 592 -11.19 -15.99 5.89
CA SER A 592 -10.20 -17.00 6.28
C SER A 592 -10.76 -18.03 7.26
N VAL A 593 -11.57 -17.56 8.20
CA VAL A 593 -12.26 -18.45 9.13
C VAL A 593 -13.09 -19.49 8.39
N ALA A 594 -13.79 -19.05 7.35
CA ALA A 594 -14.68 -19.93 6.60
C ALA A 594 -13.89 -20.98 5.82
N THR A 595 -12.89 -20.53 5.06
CA THR A 595 -11.99 -21.45 4.37
C THR A 595 -11.39 -22.46 5.34
N ALA A 596 -11.20 -22.05 6.58
CA ALA A 596 -10.67 -22.93 7.62
C ALA A 596 -11.71 -23.87 8.21
N LEU A 597 -12.88 -23.33 8.55
CA LEU A 597 -13.92 -24.10 9.22
C LEU A 597 -14.55 -25.13 8.31
N GLN A 598 -14.54 -24.83 7.01
CA GLN A 598 -15.22 -25.67 6.03
C GLN A 598 -16.68 -25.92 6.38
N SER A 599 -17.06 -27.19 6.32
CA SER A 599 -18.43 -27.61 6.52
C SER A 599 -19.01 -27.06 7.82
N GLY A 600 -18.15 -26.82 8.80
CA GLY A 600 -18.59 -26.31 10.09
C GLY A 600 -19.12 -24.88 10.05
N PHE A 601 -18.98 -24.24 8.89
CA PHE A 601 -19.41 -22.86 8.76
C PHE A 601 -20.87 -22.75 8.30
N LEU A 602 -21.47 -23.89 7.98
CA LEU A 602 -22.83 -23.92 7.41
C LEU A 602 -23.87 -23.03 8.12
N PRO A 603 -23.95 -23.13 9.45
CA PRO A 603 -24.94 -22.36 10.22
C PRO A 603 -24.90 -20.85 9.95
N TYR A 604 -23.71 -20.30 9.72
CA TYR A 604 -23.55 -18.85 9.63
C TYR A 604 -23.53 -18.31 8.19
N CYS A 605 -23.63 -19.21 7.21
CA CYS A 605 -23.38 -18.84 5.82
C CYS A 605 -24.44 -17.95 5.17
N GLU A 606 -25.71 -18.33 5.25
CA GLU A 606 -26.75 -17.64 4.51
C GLU A 606 -26.67 -16.12 4.69
N PRO A 607 -26.74 -15.64 5.94
CA PRO A 607 -26.72 -14.18 6.12
C PRO A 607 -25.47 -13.51 5.55
N VAL A 608 -24.30 -14.15 5.65
CA VAL A 608 -23.07 -13.52 5.16
C VAL A 608 -23.02 -13.58 3.63
N TYR A 609 -23.48 -14.69 3.08
CA TYR A 609 -23.57 -14.80 1.63
C TYR A 609 -24.40 -13.64 1.10
N GLN A 610 -25.61 -13.50 1.63
CA GLN A 610 -26.53 -12.45 1.18
C GLN A 610 -25.85 -11.09 1.23
N ARG A 611 -25.24 -10.77 2.37
CA ARG A 611 -24.66 -9.45 2.59
C ARG A 611 -23.57 -9.13 1.56
N CYS A 612 -22.73 -10.12 1.25
CA CYS A 612 -21.67 -9.92 0.26
C CYS A 612 -22.23 -9.58 -1.11
N VAL A 613 -23.17 -10.40 -1.58
CA VAL A 613 -23.76 -10.15 -2.88
C VAL A 613 -24.45 -8.78 -2.92
N ASN A 614 -25.11 -8.40 -1.83
CA ASN A 614 -25.68 -7.08 -1.74
C ASN A 614 -24.61 -6.01 -1.90
N LEU A 615 -23.51 -6.17 -1.18
CA LEU A 615 -22.39 -5.23 -1.24
C LEU A 615 -21.86 -5.08 -2.67
N VAL A 616 -21.60 -6.20 -3.31
CA VAL A 616 -21.16 -6.22 -4.70
C VAL A 616 -22.20 -5.55 -5.63
N GLN A 617 -23.47 -5.83 -5.36
CA GLN A 617 -24.54 -5.27 -6.17
C GLN A 617 -24.61 -3.75 -6.03
N LYS A 618 -24.65 -3.25 -4.80
CA LYS A 618 -24.74 -1.82 -4.55
C LYS A 618 -23.54 -1.05 -5.11
N THR A 619 -22.35 -1.63 -4.99
CA THR A 619 -21.15 -0.95 -5.45
C THR A 619 -21.17 -0.79 -6.98
N LEU A 620 -21.64 -1.84 -7.66
CA LEU A 620 -21.76 -1.82 -9.11
C LEU A 620 -22.79 -0.80 -9.53
N ALA A 621 -23.96 -0.85 -8.89
CA ALA A 621 -25.03 0.10 -9.12
C ALA A 621 -24.49 1.51 -8.97
N GLN A 622 -23.80 1.75 -7.85
CA GLN A 622 -23.26 3.08 -7.57
C GLN A 622 -22.24 3.51 -8.63
N ALA A 623 -21.41 2.58 -9.08
CA ALA A 623 -20.44 2.89 -10.11
C ALA A 623 -21.13 3.41 -11.38
N MET A 624 -22.21 2.76 -11.79
CA MET A 624 -22.91 3.16 -13.01
C MET A 624 -23.55 4.52 -12.83
N LEU A 625 -24.19 4.70 -11.67
CA LEU A 625 -24.78 5.98 -11.32
C LEU A 625 -23.73 7.07 -11.41
N ASN A 626 -22.61 6.86 -10.72
CA ASN A 626 -21.50 7.81 -10.75
C ASN A 626 -21.05 8.10 -12.18
N ASN A 627 -20.97 7.05 -12.98
CA ASN A 627 -20.57 7.19 -14.37
C ASN A 627 -21.54 8.10 -15.13
N ALA A 628 -22.83 7.95 -14.83
CA ALA A 628 -23.87 8.73 -15.49
C ALA A 628 -23.94 10.19 -14.99
N GLN A 629 -23.97 10.36 -13.67
CA GLN A 629 -24.05 11.69 -13.08
C GLN A 629 -22.94 11.92 -12.05
N PRO A 630 -21.69 12.04 -12.53
CA PRO A 630 -20.49 12.14 -11.69
C PRO A 630 -20.48 13.40 -10.82
N ASP A 631 -21.21 14.43 -11.24
CA ASP A 631 -21.35 15.65 -10.45
C ASP A 631 -22.38 15.48 -9.32
N GLN A 632 -23.51 14.84 -9.64
CA GLN A 632 -24.57 14.61 -8.65
C GLN A 632 -24.32 13.41 -7.74
N TYR A 633 -23.59 12.41 -8.24
CA TYR A 633 -23.40 11.17 -7.49
C TYR A 633 -21.92 10.75 -7.37
N GLU A 634 -21.52 10.33 -6.16
CA GLU A 634 -20.12 10.07 -5.84
C GLU A 634 -19.70 8.61 -6.05
N ALA A 635 -18.47 8.41 -6.51
CA ALA A 635 -17.97 7.07 -6.85
C ALA A 635 -17.90 6.12 -5.64
N PRO A 636 -18.15 4.82 -5.87
CA PRO A 636 -18.49 3.78 -4.90
C PRO A 636 -17.43 3.28 -3.90
N ASP A 637 -16.14 3.52 -4.11
CA ASP A 637 -15.13 2.84 -3.28
C ASP A 637 -15.13 1.31 -3.41
N LYS A 638 -14.60 0.83 -4.53
CA LYS A 638 -14.72 -0.57 -4.91
C LYS A 638 -14.16 -1.57 -3.90
N ASP A 639 -13.44 -1.10 -2.89
CA ASP A 639 -12.91 -2.01 -1.87
C ASP A 639 -13.99 -2.92 -1.29
N PHE A 640 -15.19 -2.41 -1.10
CA PHE A 640 -16.29 -3.22 -0.59
C PHE A 640 -16.59 -4.39 -1.50
N MET A 641 -16.57 -4.11 -2.80
CA MET A 641 -16.77 -5.14 -3.81
C MET A 641 -15.70 -6.21 -3.68
N ILE A 642 -14.46 -5.77 -3.52
CA ILE A 642 -13.30 -6.67 -3.48
C ILE A 642 -13.32 -7.57 -2.26
N VAL A 643 -13.54 -6.98 -1.10
CA VAL A 643 -13.67 -7.73 0.14
C VAL A 643 -14.84 -8.69 0.06
N ALA A 644 -15.96 -8.23 -0.50
CA ALA A 644 -17.16 -9.07 -0.60
C ALA A 644 -16.94 -10.28 -1.51
N LEU A 645 -16.28 -10.06 -2.64
CA LEU A 645 -15.94 -11.13 -3.57
C LEU A 645 -14.97 -12.09 -2.90
N ASP A 646 -14.08 -11.54 -2.09
CA ASP A 646 -13.12 -12.34 -1.35
C ASP A 646 -13.86 -13.29 -0.41
N LEU A 647 -14.72 -12.74 0.44
CA LEU A 647 -15.48 -13.57 1.36
C LEU A 647 -16.26 -14.62 0.58
N LEU A 648 -16.90 -14.19 -0.51
CA LEU A 648 -17.67 -15.12 -1.34
C LEU A 648 -16.84 -16.31 -1.81
N SER A 649 -15.67 -16.02 -2.41
CA SER A 649 -14.74 -17.05 -2.86
C SER A 649 -14.29 -17.90 -1.67
N GLY A 650 -14.34 -17.29 -0.49
CA GLY A 650 -13.95 -17.95 0.74
C GLY A 650 -14.96 -18.97 1.23
N LEU A 651 -16.24 -18.71 0.97
CA LEU A 651 -17.29 -19.67 1.23
C LEU A 651 -17.30 -20.75 0.13
N ALA A 652 -17.14 -20.32 -1.12
CA ALA A 652 -17.14 -21.25 -2.24
C ALA A 652 -16.13 -22.37 -2.02
N GLU A 653 -14.98 -22.01 -1.43
CA GLU A 653 -13.97 -22.97 -1.04
C GLU A 653 -14.15 -23.36 0.44
N GLY A 654 -14.30 -24.65 0.69
CA GLY A 654 -14.45 -25.15 2.05
C GLY A 654 -15.89 -25.30 2.46
N LEU A 655 -16.77 -24.55 1.79
CA LEU A 655 -18.20 -24.82 1.86
C LEU A 655 -18.60 -25.63 0.63
N GLY A 656 -17.63 -25.88 -0.24
CA GLY A 656 -17.89 -26.22 -1.63
C GLY A 656 -18.94 -27.27 -1.88
N GLY A 657 -19.85 -26.97 -2.80
CA GLY A 657 -20.94 -27.86 -3.15
C GLY A 657 -22.14 -27.58 -2.27
N ASN A 658 -21.90 -26.99 -1.11
CA ASN A 658 -22.99 -26.60 -0.22
C ASN A 658 -23.45 -25.16 -0.43
N ILE A 659 -22.72 -24.42 -1.26
CA ILE A 659 -23.17 -23.09 -1.67
C ILE A 659 -24.22 -23.18 -2.76
N GLU A 660 -24.35 -24.39 -3.33
CA GLU A 660 -25.24 -24.59 -4.47
C GLU A 660 -26.65 -24.05 -4.21
N GLN A 661 -27.24 -24.45 -3.09
CA GLN A 661 -28.58 -23.98 -2.75
C GLN A 661 -28.62 -22.45 -2.75
N LEU A 662 -27.51 -21.83 -2.34
CA LEU A 662 -27.41 -20.36 -2.29
C LEU A 662 -27.19 -19.69 -3.64
N VAL A 663 -26.28 -20.25 -4.44
CA VAL A 663 -25.95 -19.71 -5.75
C VAL A 663 -27.13 -19.83 -6.72
N ALA A 664 -27.84 -20.95 -6.61
CA ALA A 664 -29.03 -21.20 -7.41
C ALA A 664 -30.07 -20.11 -7.25
N ARG A 665 -30.05 -19.45 -6.10
CA ARG A 665 -30.96 -18.35 -5.81
C ARG A 665 -30.37 -16.96 -6.12
N SER A 666 -29.19 -16.91 -6.72
CA SER A 666 -28.47 -15.65 -6.83
C SER A 666 -28.16 -15.12 -8.24
N ASN A 667 -27.99 -13.80 -8.31
CA ASN A 667 -27.60 -13.09 -9.52
C ASN A 667 -26.08 -13.02 -9.55
N ILE A 668 -25.46 -13.70 -8.60
CA ILE A 668 -24.04 -13.56 -8.36
C ILE A 668 -23.23 -13.60 -9.66
N LEU A 669 -23.57 -14.51 -10.56
CA LEU A 669 -22.83 -14.60 -11.83
C LEU A 669 -23.10 -13.43 -12.78
N THR A 670 -24.34 -12.96 -12.79
CA THR A 670 -24.69 -11.78 -13.54
C THR A 670 -23.82 -10.59 -13.11
N LEU A 671 -23.52 -10.53 -11.82
CA LEU A 671 -22.65 -9.47 -11.28
C LEU A 671 -21.17 -9.71 -11.58
N MET A 672 -20.74 -10.95 -11.43
CA MET A 672 -19.36 -11.32 -11.69
C MET A 672 -18.99 -10.95 -13.12
N TYR A 673 -19.93 -11.16 -14.03
CA TYR A 673 -19.70 -10.80 -15.41
C TYR A 673 -19.31 -9.33 -15.54
N GLN A 674 -19.84 -8.49 -14.67
CA GLN A 674 -19.48 -7.07 -14.66
C GLN A 674 -18.13 -6.87 -13.97
N CYS A 675 -17.92 -7.58 -12.87
CA CYS A 675 -16.66 -7.46 -12.14
C CYS A 675 -15.43 -7.77 -12.99
N MET A 676 -15.53 -8.81 -13.83
CA MET A 676 -14.42 -9.20 -14.69
C MET A 676 -14.05 -8.09 -15.67
N GLN A 677 -15.02 -7.26 -16.00
CA GLN A 677 -14.81 -6.22 -17.00
C GLN A 677 -14.40 -4.91 -16.37
N ASP A 678 -14.25 -4.91 -15.04
CA ASP A 678 -13.91 -3.71 -14.30
C ASP A 678 -12.48 -3.26 -14.59
N LYS A 679 -12.28 -1.95 -14.71
CA LYS A 679 -10.96 -1.40 -15.03
C LYS A 679 -9.91 -1.65 -13.95
N MET A 680 -10.39 -1.80 -12.71
CA MET A 680 -9.53 -2.04 -11.56
C MET A 680 -9.15 -3.51 -11.41
N PRO A 681 -7.85 -3.80 -11.56
CA PRO A 681 -7.31 -5.16 -11.56
C PRO A 681 -7.66 -6.00 -10.33
N GLU A 682 -7.66 -5.40 -9.13
CA GLU A 682 -7.95 -6.17 -7.92
C GLU A 682 -9.36 -6.78 -7.97
N VAL A 683 -10.31 -6.03 -8.52
CA VAL A 683 -11.67 -6.50 -8.74
C VAL A 683 -11.66 -7.70 -9.69
N ARG A 684 -11.06 -7.51 -10.85
CA ARG A 684 -10.95 -8.59 -11.82
C ARG A 684 -10.39 -9.85 -11.15
N GLN A 685 -9.38 -9.66 -10.32
CA GLN A 685 -8.66 -10.74 -9.65
C GLN A 685 -9.55 -11.52 -8.69
N SER A 686 -10.18 -10.79 -7.76
CA SER A 686 -11.09 -11.41 -6.80
C SER A 686 -12.20 -12.14 -7.55
N SER A 687 -12.62 -11.53 -8.66
CA SER A 687 -13.70 -12.05 -9.48
C SER A 687 -13.33 -13.38 -10.15
N PHE A 688 -12.15 -13.47 -10.75
CA PHE A 688 -11.69 -14.73 -11.35
C PHE A 688 -11.46 -15.80 -10.29
N ALA A 689 -10.97 -15.38 -9.12
CA ALA A 689 -10.83 -16.34 -8.04
C ALA A 689 -12.20 -16.96 -7.77
N LEU A 690 -13.18 -16.08 -7.57
CA LEU A 690 -14.55 -16.54 -7.36
C LEU A 690 -15.01 -17.48 -8.50
N LEU A 691 -14.65 -17.14 -9.72
CA LEU A 691 -15.03 -17.93 -10.88
C LEU A 691 -14.50 -19.35 -10.74
N GLY A 692 -13.21 -19.46 -10.38
CA GLY A 692 -12.62 -20.77 -10.16
C GLY A 692 -13.31 -21.55 -9.06
N ASP A 693 -13.51 -20.89 -7.93
CA ASP A 693 -14.13 -21.55 -6.78
C ASP A 693 -15.54 -22.06 -7.08
N LEU A 694 -16.35 -21.24 -7.73
CA LEU A 694 -17.69 -21.68 -8.16
C LEU A 694 -17.58 -22.83 -9.17
N THR A 695 -16.69 -22.65 -10.14
CA THR A 695 -16.45 -23.66 -11.16
C THR A 695 -16.27 -25.01 -10.50
N LYS A 696 -15.45 -25.06 -9.45
CA LYS A 696 -15.31 -26.31 -8.69
C LYS A 696 -16.61 -26.70 -7.95
N ALA A 697 -17.11 -25.79 -7.12
CA ALA A 697 -18.21 -26.10 -6.21
C ALA A 697 -19.47 -26.58 -6.93
N CYS A 698 -20.12 -25.68 -7.68
CA CYS A 698 -21.26 -26.08 -8.48
C CYS A 698 -21.09 -25.60 -9.92
N PHE A 699 -20.86 -26.52 -10.83
CA PHE A 699 -20.56 -26.12 -12.20
C PHE A 699 -21.79 -25.78 -13.01
N GLN A 700 -22.92 -26.41 -12.66
CA GLN A 700 -24.18 -26.24 -13.38
C GLN A 700 -24.52 -24.77 -13.60
N HIS A 701 -24.26 -23.95 -12.59
CA HIS A 701 -24.61 -22.54 -12.66
C HIS A 701 -23.60 -21.71 -13.44
N VAL A 702 -22.39 -22.25 -13.59
CA VAL A 702 -21.38 -21.59 -14.41
C VAL A 702 -21.53 -21.89 -15.91
N LYS A 703 -21.83 -23.14 -16.24
CA LYS A 703 -21.79 -23.62 -17.63
C LYS A 703 -22.50 -22.71 -18.65
N PRO A 704 -23.66 -22.16 -18.28
CA PRO A 704 -24.29 -21.20 -19.18
C PRO A 704 -23.33 -20.06 -19.55
N CYS A 705 -22.57 -19.60 -18.55
CA CYS A 705 -21.80 -18.37 -18.71
C CYS A 705 -20.42 -18.54 -19.35
N ILE A 706 -19.99 -19.77 -19.58
CA ILE A 706 -18.63 -19.99 -20.08
C ILE A 706 -18.40 -19.42 -21.48
N ALA A 707 -19.48 -19.22 -22.24
CA ALA A 707 -19.37 -18.70 -23.59
C ALA A 707 -18.89 -17.24 -23.58
N ASP A 708 -19.50 -16.43 -22.73
CA ASP A 708 -19.15 -15.03 -22.59
C ASP A 708 -17.90 -14.85 -21.72
N PHE A 709 -17.77 -15.71 -20.71
CA PHE A 709 -16.68 -15.60 -19.75
C PHE A 709 -15.31 -15.80 -20.38
N MET A 710 -15.17 -16.86 -21.18
CA MET A 710 -13.89 -17.24 -21.76
C MET A 710 -13.17 -16.10 -22.48
N PRO A 711 -13.84 -15.46 -23.45
CA PRO A 711 -13.21 -14.34 -24.15
C PRO A 711 -12.63 -13.36 -23.14
N ILE A 712 -13.37 -13.08 -22.08
CA ILE A 712 -12.91 -12.19 -21.01
C ILE A 712 -11.67 -12.73 -20.29
N LEU A 713 -11.66 -14.03 -20.02
CA LEU A 713 -10.47 -14.67 -19.45
C LEU A 713 -9.29 -14.54 -20.42
N GLY A 714 -9.59 -14.63 -21.71
CA GLY A 714 -8.55 -14.59 -22.73
C GLY A 714 -7.89 -13.24 -22.90
N THR A 715 -8.61 -12.17 -22.57
CA THR A 715 -8.01 -10.84 -22.68
C THR A 715 -7.51 -10.37 -21.32
N ASN A 716 -7.71 -11.20 -20.30
CA ASN A 716 -7.17 -10.93 -18.97
C ASN A 716 -5.86 -11.65 -18.59
N LEU A 717 -5.27 -12.40 -19.52
CA LEU A 717 -4.00 -13.04 -19.21
C LEU A 717 -2.91 -12.04 -18.83
N ASN A 718 -2.37 -11.30 -19.80
CA ASN A 718 -1.68 -10.05 -19.46
C ASN A 718 -0.84 -10.11 -18.19
N PRO A 719 0.32 -10.79 -18.26
CA PRO A 719 1.17 -11.06 -17.09
C PRO A 719 1.67 -9.80 -16.35
N GLU A 720 1.56 -8.63 -16.97
CA GLU A 720 1.92 -7.39 -16.28
C GLU A 720 1.16 -7.29 -14.97
N PHE A 721 -0.07 -7.80 -14.94
CA PHE A 721 -0.78 -7.95 -13.66
C PHE A 721 -0.71 -9.39 -13.23
N ILE A 722 0.10 -9.66 -12.23
CA ILE A 722 0.42 -11.03 -11.87
C ILE A 722 -0.77 -11.75 -11.30
N SER A 723 -1.41 -11.14 -10.31
CA SER A 723 -2.52 -11.77 -9.61
C SER A 723 -3.67 -12.04 -10.56
N VAL A 724 -3.98 -11.06 -11.40
CA VAL A 724 -5.02 -11.24 -12.40
C VAL A 724 -4.69 -12.43 -13.31
N CYS A 725 -3.53 -12.36 -13.96
CA CYS A 725 -3.11 -13.42 -14.86
C CYS A 725 -3.27 -14.78 -14.19
N ASN A 726 -2.78 -14.87 -12.96
CA ASN A 726 -2.78 -16.10 -12.19
C ASN A 726 -4.19 -16.64 -11.94
N ASN A 727 -5.02 -15.83 -11.30
CA ASN A 727 -6.38 -16.25 -11.01
C ASN A 727 -7.15 -16.63 -12.28
N ALA A 728 -6.90 -15.91 -13.37
CA ALA A 728 -7.53 -16.24 -14.64
C ALA A 728 -7.07 -17.59 -15.22
N THR A 729 -5.77 -17.85 -15.20
CA THR A 729 -5.28 -19.13 -15.70
C THR A 729 -5.85 -20.26 -14.84
N TRP A 730 -5.74 -20.12 -13.52
CA TRP A 730 -6.29 -21.11 -12.60
C TRP A 730 -7.76 -21.39 -12.93
N ALA A 731 -8.53 -20.31 -13.07
CA ALA A 731 -9.94 -20.43 -13.43
C ALA A 731 -10.11 -21.26 -14.71
N ILE A 732 -9.41 -20.89 -15.77
CA ILE A 732 -9.48 -21.65 -17.01
C ILE A 732 -9.27 -23.14 -16.72
N GLY A 733 -8.18 -23.46 -16.04
CA GLY A 733 -7.90 -24.83 -15.63
C GLY A 733 -9.08 -25.50 -14.93
N GLU A 734 -9.75 -24.78 -14.03
CA GLU A 734 -10.90 -25.36 -13.35
C GLU A 734 -12.10 -25.58 -14.29
N ILE A 735 -12.23 -24.70 -15.27
CA ILE A 735 -13.26 -24.83 -16.31
C ILE A 735 -13.08 -26.11 -17.08
N SER A 736 -11.88 -26.29 -17.64
CA SER A 736 -11.66 -27.44 -18.51
C SER A 736 -12.10 -28.77 -17.91
N ILE A 737 -11.67 -29.03 -16.68
CA ILE A 737 -12.04 -30.27 -16.01
C ILE A 737 -13.54 -30.52 -16.02
N GLN A 738 -14.31 -29.50 -15.64
CA GLN A 738 -15.77 -29.64 -15.58
C GLN A 738 -16.40 -29.70 -16.98
N MET A 739 -15.72 -29.11 -17.95
CA MET A 739 -16.25 -28.97 -19.30
C MET A 739 -15.93 -30.12 -20.23
N GLY A 740 -15.02 -31.00 -19.82
CA GLY A 740 -14.63 -32.11 -20.66
C GLY A 740 -14.23 -31.65 -22.06
N ILE A 741 -14.67 -32.41 -23.06
CA ILE A 741 -14.30 -32.13 -24.45
C ILE A 741 -14.98 -30.87 -25.02
N GLU A 742 -16.07 -30.45 -24.39
CA GLU A 742 -16.77 -29.25 -24.79
C GLU A 742 -15.87 -28.01 -24.79
N MET A 743 -14.73 -28.07 -24.10
CA MET A 743 -13.77 -26.97 -24.12
C MET A 743 -13.18 -26.78 -25.52
N GLN A 744 -13.47 -27.70 -26.42
CA GLN A 744 -12.87 -27.71 -27.75
C GLN A 744 -12.87 -26.33 -28.42
N PRO A 745 -14.07 -25.72 -28.56
CA PRO A 745 -14.19 -24.51 -29.39
C PRO A 745 -13.20 -23.42 -29.03
N TYR A 746 -13.03 -23.07 -27.74
CA TYR A 746 -11.90 -22.24 -27.43
C TYR A 746 -10.91 -22.93 -26.52
N ILE A 747 -9.85 -23.49 -27.11
CA ILE A 747 -8.48 -23.30 -26.66
C ILE A 747 -7.93 -21.94 -27.12
N PRO A 748 -8.03 -21.68 -28.45
CA PRO A 748 -7.21 -20.75 -29.24
C PRO A 748 -7.09 -19.34 -28.67
N MET A 749 -8.08 -18.88 -27.93
CA MET A 749 -7.96 -17.58 -27.26
C MET A 749 -6.90 -17.62 -26.15
N VAL A 750 -6.91 -18.70 -25.38
CA VAL A 750 -5.97 -18.89 -24.27
C VAL A 750 -4.58 -19.43 -24.62
N LEU A 751 -4.51 -20.44 -25.50
CA LEU A 751 -3.28 -21.23 -25.67
C LEU A 751 -2.00 -20.46 -25.99
N HIS A 752 -1.98 -19.79 -27.14
CA HIS A 752 -0.78 -19.07 -27.58
C HIS A 752 -0.25 -18.23 -26.43
N GLN A 753 -1.15 -17.55 -25.74
CA GLN A 753 -0.80 -16.72 -24.60
C GLN A 753 -0.22 -17.52 -23.45
N LEU A 754 -0.84 -18.65 -23.12
CA LEU A 754 -0.35 -19.46 -22.00
C LEU A 754 1.06 -19.97 -22.26
N VAL A 755 1.32 -20.36 -23.50
CA VAL A 755 2.64 -20.78 -23.91
C VAL A 755 3.63 -19.63 -23.85
N GLU A 756 3.22 -18.46 -24.32
CA GLU A 756 4.06 -17.27 -24.20
C GLU A 756 4.41 -16.99 -22.74
N ILE A 757 3.47 -17.30 -21.84
CA ILE A 757 3.63 -17.01 -20.41
C ILE A 757 4.63 -17.97 -19.80
N ILE A 758 4.31 -19.27 -19.85
CA ILE A 758 5.16 -20.28 -19.25
C ILE A 758 6.61 -20.23 -19.77
N ASN A 759 6.81 -19.61 -20.94
CA ASN A 759 8.17 -19.43 -21.49
C ASN A 759 8.82 -18.07 -21.18
N ARG A 760 8.10 -17.22 -20.47
CA ARG A 760 8.53 -15.85 -20.22
C ARG A 760 9.49 -15.81 -19.03
N PRO A 761 10.60 -15.06 -19.15
CA PRO A 761 11.14 -14.62 -17.86
C PRO A 761 10.53 -13.26 -17.53
N ASN A 762 10.78 -12.73 -16.33
CA ASN A 762 11.10 -13.58 -15.20
C ASN A 762 9.77 -13.65 -14.46
N THR A 763 9.16 -14.83 -14.50
CA THR A 763 7.77 -15.00 -14.08
C THR A 763 7.70 -15.69 -12.74
N PRO A 764 6.96 -15.08 -11.79
CA PRO A 764 6.87 -15.61 -10.43
C PRO A 764 6.50 -17.10 -10.41
N LYS A 765 7.01 -17.80 -9.40
CA LYS A 765 6.80 -19.24 -9.26
C LYS A 765 5.34 -19.62 -9.50
N THR A 766 4.47 -19.15 -8.62
CA THR A 766 3.06 -19.52 -8.61
C THR A 766 2.36 -19.36 -9.97
N LEU A 767 2.66 -18.27 -10.68
CA LEU A 767 2.06 -18.02 -11.99
C LEU A 767 2.46 -19.11 -12.99
N LEU A 768 3.74 -19.46 -12.97
CA LEU A 768 4.25 -20.54 -13.81
C LEU A 768 3.60 -21.87 -13.47
N GLU A 769 3.57 -22.21 -12.18
CA GLU A 769 2.93 -23.47 -11.78
C GLU A 769 1.49 -23.50 -12.28
N ASN A 770 0.71 -22.49 -11.94
CA ASN A 770 -0.68 -22.45 -12.39
C ASN A 770 -0.79 -22.59 -13.90
N THR A 771 0.08 -21.91 -14.62
CA THR A 771 0.10 -21.99 -16.07
C THR A 771 0.30 -23.43 -16.56
N ALA A 772 1.35 -24.07 -16.07
CA ALA A 772 1.62 -25.46 -16.44
C ALA A 772 0.42 -26.35 -16.09
N ILE A 773 -0.14 -26.17 -14.91
CA ILE A 773 -1.28 -26.98 -14.52
C ILE A 773 -2.39 -26.84 -15.53
N THR A 774 -2.85 -25.62 -15.77
CA THR A 774 -3.99 -25.47 -16.66
C THR A 774 -3.67 -25.92 -18.10
N ILE A 775 -2.42 -25.75 -18.55
CA ILE A 775 -2.04 -26.28 -19.87
C ILE A 775 -2.19 -27.80 -19.90
N GLY A 776 -1.69 -28.46 -18.86
CA GLY A 776 -1.85 -29.89 -18.71
C GLY A 776 -3.31 -30.31 -18.75
N ARG A 777 -4.14 -29.60 -18.02
CA ARG A 777 -5.57 -29.87 -18.02
C ARG A 777 -6.20 -29.72 -19.41
N LEU A 778 -5.84 -28.63 -20.09
CA LEU A 778 -6.30 -28.38 -21.45
C LEU A 778 -5.95 -29.54 -22.36
N GLY A 779 -4.72 -30.02 -22.23
CA GLY A 779 -4.28 -31.16 -23.02
C GLY A 779 -4.96 -32.45 -22.61
N TYR A 780 -5.45 -32.49 -21.37
CA TYR A 780 -6.18 -33.65 -20.86
C TYR A 780 -7.60 -33.74 -21.42
N VAL A 781 -8.29 -32.61 -21.51
CA VAL A 781 -9.62 -32.63 -22.15
C VAL A 781 -9.56 -32.60 -23.68
N CYS A 782 -8.67 -31.79 -24.23
CA CYS A 782 -8.60 -31.58 -25.68
C CYS A 782 -7.17 -31.71 -26.21
N PRO A 783 -6.67 -32.94 -26.28
CA PRO A 783 -5.28 -33.19 -26.71
C PRO A 783 -5.04 -32.86 -28.19
N GLN A 784 -6.08 -32.81 -29.01
CA GLN A 784 -5.92 -32.64 -30.46
C GLN A 784 -5.34 -31.28 -30.90
N GLU A 785 -5.97 -30.18 -30.51
CA GLU A 785 -5.22 -28.92 -30.44
C GLU A 785 -4.56 -29.06 -29.07
N VAL A 786 -3.95 -28.01 -28.53
CA VAL A 786 -3.03 -28.30 -27.42
C VAL A 786 -1.91 -29.23 -27.92
N ALA A 787 -1.92 -30.48 -27.47
CA ALA A 787 -0.75 -31.36 -27.52
C ALA A 787 0.08 -31.26 -28.80
N PRO A 788 -0.56 -31.14 -29.97
CA PRO A 788 0.48 -30.93 -30.98
C PRO A 788 1.04 -29.52 -30.90
N MET A 789 1.37 -29.11 -29.68
CA MET A 789 2.43 -28.15 -29.40
C MET A 789 3.19 -28.60 -28.14
N LEU A 790 4.49 -28.79 -28.27
CA LEU A 790 5.33 -29.20 -27.16
C LEU A 790 6.71 -28.66 -27.49
N GLN A 791 7.60 -28.61 -26.50
CA GLN A 791 8.95 -28.11 -26.72
C GLN A 791 8.88 -26.62 -27.09
N GLN A 792 7.67 -26.13 -27.33
CA GLN A 792 7.39 -24.71 -27.24
C GLN A 792 7.35 -24.50 -25.74
N PHE A 793 7.00 -25.61 -25.06
CA PHE A 793 6.96 -25.70 -23.61
C PHE A 793 7.39 -27.10 -23.18
N ILE A 794 7.11 -27.43 -21.92
CA ILE A 794 7.45 -28.70 -21.29
C ILE A 794 8.88 -28.79 -20.82
N ARG A 795 9.77 -27.94 -21.31
CA ARG A 795 10.98 -27.70 -20.56
C ARG A 795 10.57 -26.90 -19.32
N PRO A 796 9.90 -25.75 -19.53
CA PRO A 796 9.41 -24.97 -18.40
C PRO A 796 8.31 -25.72 -17.66
N TRP A 797 7.43 -26.40 -18.39
CA TRP A 797 6.34 -27.14 -17.79
C TRP A 797 6.88 -28.08 -16.72
N CYS A 798 7.89 -28.86 -17.11
CA CYS A 798 8.50 -29.85 -16.21
C CYS A 798 9.32 -29.20 -15.10
N THR A 799 10.19 -28.26 -15.46
CA THR A 799 11.04 -27.66 -14.44
C THR A 799 10.19 -27.02 -13.35
N SER A 800 9.06 -26.45 -13.74
CA SER A 800 8.12 -25.90 -12.78
C SER A 800 7.39 -26.98 -11.98
N LEU A 801 6.73 -27.91 -12.68
CA LEU A 801 5.86 -28.86 -12.00
C LEU A 801 6.59 -29.87 -11.12
N ARG A 802 7.90 -30.01 -11.34
CA ARG A 802 8.68 -31.01 -10.62
C ARG A 802 8.88 -30.59 -9.15
N ASN A 803 8.66 -29.31 -8.88
CA ASN A 803 8.85 -28.73 -7.54
C ASN A 803 7.59 -28.67 -6.68
N ILE A 804 6.48 -29.21 -7.20
CA ILE A 804 5.17 -29.13 -6.54
C ILE A 804 4.80 -30.42 -5.81
N ARG A 805 4.07 -30.29 -4.70
CA ARG A 805 3.64 -31.43 -3.91
C ARG A 805 2.75 -32.33 -4.75
N ASP A 806 2.66 -33.60 -4.39
CA ASP A 806 1.76 -34.51 -5.11
C ASP A 806 0.32 -34.30 -4.67
N ASN A 807 -0.57 -34.03 -5.63
CA ASN A 807 -1.97 -33.76 -5.30
C ASN A 807 -2.88 -33.81 -6.54
N GLU A 808 -4.15 -33.46 -6.35
CA GLU A 808 -5.11 -33.47 -7.46
C GLU A 808 -4.56 -32.67 -8.65
N GLU A 809 -4.08 -31.47 -8.35
CA GLU A 809 -3.37 -30.68 -9.34
C GLU A 809 -2.04 -31.36 -9.63
N LYS A 810 -1.66 -31.35 -10.90
CA LYS A 810 -0.46 -32.03 -11.39
C LYS A 810 -0.70 -33.53 -11.49
N ASP A 811 -1.73 -34.02 -10.80
CA ASP A 811 -2.28 -35.31 -11.16
C ASP A 811 -3.02 -35.08 -12.47
N SER A 812 -3.93 -34.11 -12.45
CA SER A 812 -4.62 -33.70 -13.67
C SER A 812 -3.59 -33.32 -14.72
N ALA A 813 -2.67 -32.44 -14.33
CA ALA A 813 -1.75 -31.86 -15.27
C ALA A 813 -0.85 -32.92 -15.90
N PHE A 814 -0.44 -33.91 -15.10
CA PHE A 814 0.40 -34.98 -15.63
C PHE A 814 -0.39 -35.97 -16.51
N ARG A 815 -1.60 -36.34 -16.08
CA ARG A 815 -2.48 -37.14 -16.93
C ARG A 815 -2.62 -36.48 -18.29
N GLY A 816 -2.73 -35.15 -18.25
CA GLY A 816 -2.80 -34.34 -19.45
C GLY A 816 -1.52 -34.38 -20.28
N ILE A 817 -0.37 -34.31 -19.63
CA ILE A 817 0.89 -34.39 -20.36
C ILE A 817 1.03 -35.77 -21.03
N CYS A 818 0.50 -36.81 -20.38
CA CYS A 818 0.51 -38.15 -20.96
C CYS A 818 -0.44 -38.30 -22.16
N THR A 819 -1.71 -37.93 -21.99
CA THR A 819 -2.65 -38.05 -23.11
C THR A 819 -2.24 -37.09 -24.23
N MET A 820 -1.43 -36.09 -23.90
CA MET A 820 -0.87 -35.19 -24.89
C MET A 820 0.31 -35.82 -25.59
N ILE A 821 1.04 -36.65 -24.86
CA ILE A 821 2.26 -37.28 -25.37
C ILE A 821 1.94 -38.46 -26.28
N SER A 822 0.85 -39.17 -25.99
CA SER A 822 0.39 -40.20 -26.91
C SER A 822 0.21 -39.59 -28.30
N VAL A 823 -0.37 -38.39 -28.35
CA VAL A 823 -0.72 -37.74 -29.61
C VAL A 823 0.46 -37.13 -30.38
N ASN A 824 1.41 -36.55 -29.66
CA ASN A 824 2.57 -35.97 -30.32
C ASN A 824 3.88 -36.34 -29.63
N PRO A 825 4.25 -37.63 -29.73
CA PRO A 825 5.48 -38.17 -29.16
C PRO A 825 6.72 -37.51 -29.75
N SER A 826 6.62 -37.04 -30.99
CA SER A 826 7.75 -36.42 -31.66
C SER A 826 8.31 -35.20 -30.91
N GLY A 827 7.44 -34.45 -30.24
CA GLY A 827 7.85 -33.22 -29.57
C GLY A 827 8.61 -33.41 -28.28
N VAL A 828 8.31 -34.48 -27.56
CA VAL A 828 8.91 -34.74 -26.26
C VAL A 828 10.28 -35.41 -26.36
N ILE A 829 10.66 -35.85 -27.55
CA ILE A 829 11.94 -36.53 -27.73
C ILE A 829 13.14 -35.59 -27.53
N GLN A 830 13.07 -34.39 -28.10
CA GLN A 830 14.24 -33.50 -28.08
C GLN A 830 14.79 -33.38 -26.68
N ASP A 831 13.95 -32.96 -25.74
CA ASP A 831 14.32 -33.12 -24.35
C ASP A 831 13.36 -34.12 -23.71
N PHE A 832 13.82 -35.35 -23.51
CA PHE A 832 13.02 -36.32 -22.77
C PHE A 832 13.46 -36.34 -21.32
N ILE A 833 14.58 -35.68 -21.06
CA ILE A 833 15.19 -35.67 -19.74
C ILE A 833 14.22 -35.00 -18.78
N PHE A 834 13.77 -33.82 -19.19
CA PHE A 834 12.86 -33.02 -18.37
C PHE A 834 11.67 -33.85 -17.94
N PHE A 835 11.15 -34.68 -18.85
CA PHE A 835 10.01 -35.52 -18.53
C PHE A 835 10.35 -36.64 -17.55
N CYS A 836 11.51 -37.26 -17.71
CA CYS A 836 11.94 -38.29 -16.78
C CYS A 836 12.03 -37.70 -15.38
N ASP A 837 12.82 -36.64 -15.26
CA ASP A 837 12.97 -35.92 -14.02
C ASP A 837 11.63 -35.48 -13.42
N ALA A 838 10.68 -35.09 -14.27
CA ALA A 838 9.36 -34.70 -13.78
C ALA A 838 8.57 -35.89 -13.23
N VAL A 839 8.62 -37.01 -13.95
CA VAL A 839 8.01 -38.26 -13.49
C VAL A 839 8.64 -38.70 -12.18
N ALA A 840 9.87 -38.23 -11.95
CA ALA A 840 10.63 -38.65 -10.80
C ALA A 840 10.36 -37.85 -9.53
N SER A 841 9.54 -36.79 -9.58
CA SER A 841 9.35 -36.05 -8.35
C SER A 841 8.44 -36.87 -7.46
N TRP A 842 7.13 -36.88 -7.73
CA TRP A 842 6.33 -38.10 -7.69
C TRP A 842 6.66 -39.17 -6.64
N ILE A 843 6.46 -38.88 -5.35
CA ILE A 843 6.65 -39.91 -4.34
C ILE A 843 5.56 -40.98 -4.44
N ASN A 844 4.31 -40.54 -4.57
CA ASN A 844 3.19 -41.48 -4.59
C ASN A 844 2.17 -41.17 -5.69
N PRO A 845 2.38 -41.70 -6.90
CA PRO A 845 1.42 -41.57 -7.99
C PRO A 845 0.16 -42.42 -7.73
N LYS A 846 -0.94 -42.06 -8.38
CA LYS A 846 -2.09 -42.94 -8.47
C LYS A 846 -1.73 -44.04 -9.45
N ASP A 847 -2.16 -45.27 -9.16
CA ASP A 847 -1.73 -46.41 -9.96
C ASP A 847 -1.86 -46.14 -11.45
N ASP A 848 -2.99 -45.59 -11.89
CA ASP A 848 -3.18 -45.31 -13.31
C ASP A 848 -2.05 -44.44 -13.86
N LEU A 849 -1.84 -43.30 -13.21
CA LEU A 849 -0.77 -42.38 -13.59
C LEU A 849 0.56 -43.13 -13.72
N ARG A 850 0.85 -43.91 -12.69
CA ARG A 850 2.03 -44.77 -12.66
C ARG A 850 2.14 -45.55 -13.96
N ASP A 851 1.15 -46.41 -14.21
CA ASP A 851 1.09 -47.23 -15.42
C ASP A 851 1.34 -46.42 -16.68
N MET A 852 0.73 -45.24 -16.76
CA MET A 852 0.97 -44.34 -17.90
C MET A 852 2.45 -44.06 -18.04
N PHE A 853 3.04 -43.59 -16.94
CA PHE A 853 4.47 -43.33 -16.91
C PHE A 853 5.26 -44.54 -17.41
N CYS A 854 4.90 -45.73 -16.94
CA CYS A 854 5.56 -46.96 -17.40
C CYS A 854 5.49 -47.07 -18.91
N LYS A 855 4.27 -47.03 -19.45
CA LYS A 855 4.09 -47.17 -20.89
C LYS A 855 4.95 -46.15 -21.67
N ILE A 856 4.96 -44.91 -21.20
CA ILE A 856 5.71 -43.87 -21.91
C ILE A 856 7.21 -44.11 -21.87
N LEU A 857 7.74 -44.27 -20.66
CA LEU A 857 9.16 -44.51 -20.43
C LEU A 857 9.67 -45.71 -21.23
N HIS A 858 9.00 -46.86 -21.06
CA HIS A 858 9.36 -48.06 -21.78
C HIS A 858 9.27 -47.84 -23.29
N GLY A 859 8.20 -47.20 -23.74
CA GLY A 859 8.05 -46.86 -25.14
C GLY A 859 9.27 -46.14 -25.68
N PHE A 860 9.73 -45.11 -24.96
CA PHE A 860 10.94 -44.40 -25.33
C PHE A 860 12.15 -45.33 -25.36
N LYS A 861 12.33 -46.10 -24.29
CA LYS A 861 13.45 -47.03 -24.18
C LYS A 861 13.55 -47.91 -25.44
N ASN A 862 12.54 -48.75 -25.65
CA ASN A 862 12.49 -49.62 -26.83
C ASN A 862 12.67 -48.85 -28.12
N GLN A 863 12.09 -47.64 -28.18
CA GLN A 863 12.15 -46.83 -29.39
C GLN A 863 13.57 -46.42 -29.77
N VAL A 864 14.32 -45.88 -28.81
CA VAL A 864 15.63 -45.32 -29.08
C VAL A 864 16.73 -46.38 -29.11
N GLY A 865 16.37 -47.60 -28.70
CA GLY A 865 17.32 -48.68 -28.58
C GLY A 865 17.89 -48.77 -27.18
N ASP A 866 18.19 -49.99 -26.75
CA ASP A 866 18.81 -50.22 -25.45
C ASP A 866 20.27 -49.78 -25.54
N GLU A 867 20.92 -49.49 -24.41
CA GLU A 867 22.38 -49.37 -24.47
C GLU A 867 22.84 -48.26 -25.44
N ASN A 868 22.81 -47.01 -24.98
CA ASN A 868 22.42 -45.80 -25.70
C ASN A 868 20.96 -45.43 -25.44
N TRP A 869 20.24 -46.31 -24.75
CA TRP A 869 19.27 -45.86 -23.78
C TRP A 869 20.10 -45.52 -22.55
N ARG A 870 21.08 -46.39 -22.27
CA ARG A 870 21.91 -46.29 -21.08
C ARG A 870 22.99 -45.22 -21.21
N ARG A 871 23.35 -44.88 -22.45
CA ARG A 871 24.23 -43.75 -22.69
C ARG A 871 23.47 -42.47 -22.38
N PHE A 872 22.14 -42.54 -22.53
CA PHE A 872 21.25 -41.47 -22.10
C PHE A 872 21.07 -41.52 -20.59
N SER A 873 20.88 -42.73 -20.07
CA SER A 873 20.59 -42.93 -18.65
C SER A 873 21.80 -42.66 -17.77
N ASP A 874 22.96 -42.49 -18.39
CA ASP A 874 24.20 -42.28 -17.64
C ASP A 874 24.32 -40.87 -17.04
N GLN A 875 23.57 -39.91 -17.60
CA GLN A 875 23.59 -38.53 -17.10
C GLN A 875 22.51 -38.31 -16.05
N PHE A 876 21.80 -39.38 -15.71
CA PHE A 876 20.85 -39.37 -14.60
C PHE A 876 21.57 -39.20 -13.27
N PRO A 877 21.15 -38.22 -12.46
CA PRO A 877 21.57 -38.19 -11.05
C PRO A 877 21.15 -39.49 -10.36
N LEU A 878 21.89 -39.89 -9.31
CA LEU A 878 21.63 -41.17 -8.66
C LEU A 878 20.17 -41.39 -8.23
N PRO A 879 19.61 -40.45 -7.44
CA PRO A 879 18.24 -40.68 -6.97
C PRO A 879 17.25 -40.85 -8.12
N LEU A 880 17.42 -40.06 -9.18
CA LEU A 880 16.54 -40.17 -10.35
C LEU A 880 16.63 -41.55 -11.02
N LYS A 881 17.85 -41.92 -11.41
CA LYS A 881 18.08 -43.20 -12.08
C LYS A 881 17.59 -44.37 -11.22
N GLU A 882 17.70 -44.22 -9.91
CA GLU A 882 17.25 -45.27 -8.99
C GLU A 882 15.73 -45.35 -8.89
N ARG A 883 15.08 -44.22 -8.67
CA ARG A 883 13.63 -44.21 -8.56
C ARG A 883 12.97 -44.68 -9.85
N LEU A 884 13.55 -44.30 -10.99
CA LEU A 884 13.02 -44.74 -12.28
C LEU A 884 12.96 -46.25 -12.40
N ALA A 885 13.97 -46.94 -11.87
CA ALA A 885 13.99 -48.40 -11.89
C ALA A 885 13.08 -48.97 -10.80
N ALA A 886 13.02 -48.27 -9.66
CA ALA A 886 12.20 -48.70 -8.53
C ALA A 886 10.70 -48.74 -8.83
N PHE A 887 10.15 -47.60 -9.22
CA PHE A 887 8.72 -47.48 -9.49
C PHE A 887 8.30 -48.02 -10.86
N TYR A 888 9.19 -47.87 -11.84
CA TYR A 888 8.87 -48.09 -13.25
C TYR A 888 9.78 -49.17 -13.87
N GLY A 889 11.08 -48.92 -13.87
CA GLY A 889 12.04 -49.96 -14.23
C GLY A 889 12.05 -50.44 -15.67
N VAL A 890 12.30 -49.53 -16.61
CA VAL A 890 12.82 -48.20 -16.31
C VAL A 890 12.25 -47.18 -17.28
N PRO B 19 -0.14 -23.61 -6.14
CA PRO B 19 -0.73 -23.31 -7.45
C PRO B 19 -2.24 -23.10 -7.38
N GLY B 20 -2.70 -22.32 -6.41
CA GLY B 20 -4.10 -21.95 -6.32
C GLY B 20 -4.36 -20.52 -6.76
N LYS B 21 -5.41 -19.94 -6.20
CA LYS B 21 -5.68 -18.51 -6.38
C LYS B 21 -4.70 -17.69 -5.53
N MET B 22 -4.52 -16.43 -5.88
CA MET B 22 -3.70 -15.50 -5.09
C MET B 22 -4.57 -14.57 -4.22
N ASP B 23 -4.36 -14.61 -2.91
CA ASP B 23 -5.27 -13.98 -1.94
C ASP B 23 -5.16 -12.46 -1.78
N SER B 24 -3.93 -11.95 -1.63
CA SER B 24 -3.74 -10.50 -1.44
C SER B 24 -4.28 -10.01 -0.07
N ARG B 25 -4.88 -10.91 0.70
CA ARG B 25 -5.52 -10.59 1.97
C ARG B 25 -4.53 -10.47 3.13
N GLY B 26 -3.58 -11.40 3.19
CA GLY B 26 -2.54 -11.36 4.20
C GLY B 26 -1.74 -10.07 4.09
N GLU B 27 -1.57 -9.59 2.87
CA GLU B 27 -0.87 -8.33 2.64
C GLU B 27 -1.66 -7.14 3.21
N HIS B 28 -2.97 -7.15 2.99
CA HIS B 28 -3.83 -6.13 3.57
C HIS B 28 -3.68 -6.16 5.08
N ARG B 29 -3.65 -7.36 5.65
CA ARG B 29 -3.49 -7.49 7.10
C ARG B 29 -2.16 -6.88 7.54
N GLN B 30 -1.11 -7.12 6.75
CA GLN B 30 0.21 -6.56 7.06
C GLN B 30 0.19 -5.03 7.07
N ASP B 31 -0.36 -4.42 6.02
CA ASP B 31 -0.38 -2.96 5.95
C ASP B 31 -1.09 -2.32 7.15
N ARG B 32 -2.00 -3.07 7.77
CA ARG B 32 -2.79 -2.56 8.89
C ARG B 32 -2.10 -2.78 10.22
N ARG B 33 -0.99 -3.51 10.18
CA ARG B 33 -0.25 -3.86 11.39
C ARG B 33 0.45 -2.64 11.99
N GLU B 34 0.69 -2.69 13.30
CA GLU B 34 1.39 -1.62 14.00
C GLU B 34 2.89 -1.67 13.68
N ARG B 35 3.47 -0.51 13.39
CA ARG B 35 4.93 -0.40 13.27
CA ARG B 35 4.93 -0.39 13.25
C ARG B 35 5.42 0.97 13.75
N PRO B 36 6.63 1.00 14.33
CA PRO B 36 7.21 2.18 14.98
C PRO B 36 7.60 3.31 14.03
N TYR B 37 7.78 2.99 12.75
CA TYR B 37 8.23 3.99 11.79
C TYR B 37 7.88 3.53 10.37
#